data_8J09
#
_entry.id   8J09
#
_cell.length_a   70.771
_cell.length_b   107.569
_cell.length_c   128.283
_cell.angle_alpha   90.000
_cell.angle_beta   90.000
_cell.angle_gamma   90.000
#
_symmetry.space_group_name_H-M   'P 21 21 21'
#
loop_
_entity.id
_entity.type
_entity.pdbx_description
1 polymer 'DNA replication regulator SLD3'
2 polymer 'Cell division control protein 45'
3 water water
#
loop_
_entity_poly.entity_id
_entity_poly.type
_entity_poly.pdbx_seq_one_letter_code
_entity_poly.pdbx_strand_id
1 'polypeptide(L)'
;YSDPKEYIESKYYDALFSIHTPLAYFVKSNLVRLKNTCRTKYGSDSYKIAYQAMLQKFLLSIVQFKDRHDNRLLLEPFSS
PIADEKRKNCLTKFVIQDENKNSSTIADLCVVLKSREIKLQILLLLEIIGLNDLDWNFRDFEKKYKLKLKKRSLNLTKKG
LVRRRSKKKTSEKDKGIERITTSLDYCEQLDLYLDRACILDILLSSETPNPDAIEASNGTIQEHKKNILDKSKEASLVGF
INYVLIPYFNKKVPHAVEFIIQKLKGP
;
A
2 'polypeptide(L)'
;MYYGISQFSEAYNKILRNSSSHSSCQLVIFVSCLNIDALCATKMLSLLFKKQLVQSQIVPIFGYSELRRHYSQLDDNINS
LLLVGFGGVIDLEAFLEIDPQEYVIDTDEKSGEQSFRRDIYVLDAHRPWNLDNIFGSQIIQCFDDGTVDDTLGEQKEAYY
KLLELDEESGDDELSGDENDNNGGDDEATDADEVTDEDEEDEDETISNKRGNSSIGPNDLSKRKQRKKQIHEYEGVLEEY
YSQGTTVVNSISAQIYSLLSAIGETNLSNLWLNILGTTSLDIAYAQVYNRLYPLLQDEVKRLTPSSRNSVKTPDTLTLNI
QPDYYLFLLRHSSLYDSFYYSNYVNAKLSLWNENGKKRLHKMFARMGIPLSTAQETWLYMDHSIKRELGIIFDKNLDRYG
LQDIIRDGFVRTLGYRGSISASEFVEALTALLEVGNSTDKDSVKINNDNNDDTDGEEEEDNSAQKLTNLRKRWVSNFWLS
WDALDDRKVELLNRGIQLAQDLQRAIFNTGVAILEKKLIKHLRIYRLCVLQDGPDLDLYRNPLTLLRLGNWLIECCAESE
DKQLLPMVLASIDENTDTYLVAGLTPRYPRGLDTIHTKKPILNNFSMAFQQITAETDAKVRIDNFESSIIEIRREDLSPF
LEKLTLSGLL
;
B
#
# COMPACT_ATOMS: atom_id res chain seq x y z
N TYR A 1 17.86 -17.54 46.08
CA TYR A 1 19.13 -17.75 46.75
C TYR A 1 19.53 -19.22 46.71
N SER A 2 18.54 -20.09 46.53
CA SER A 2 18.77 -21.54 46.46
C SER A 2 19.69 -21.89 45.30
N ASP A 3 19.12 -21.94 44.11
CA ASP A 3 19.83 -22.18 42.85
C ASP A 3 19.77 -20.90 42.02
N PRO A 4 20.91 -20.41 41.52
CA PRO A 4 20.88 -19.24 40.64
C PRO A 4 19.90 -19.37 39.50
N LYS A 5 19.63 -20.59 39.03
CA LYS A 5 18.56 -20.81 38.07
C LYS A 5 17.23 -20.35 38.64
N GLU A 6 16.87 -20.83 39.83
CA GLU A 6 15.61 -20.44 40.45
C GLU A 6 15.69 -19.07 41.11
N TYR A 7 16.90 -18.55 41.33
CA TYR A 7 17.03 -17.18 41.82
C TYR A 7 16.62 -16.17 40.76
N ILE A 8 17.18 -16.31 39.56
CA ILE A 8 16.83 -15.38 38.48
C ILE A 8 15.39 -15.60 38.04
N GLU A 9 14.87 -16.82 38.18
CA GLU A 9 13.43 -17.03 37.96
C GLU A 9 12.61 -16.26 38.99
N SER A 10 13.05 -16.28 40.25
CA SER A 10 12.37 -15.49 41.26
C SER A 10 12.46 -13.99 40.94
N LYS A 11 13.64 -13.53 40.49
CA LYS A 11 13.83 -12.10 40.30
C LYS A 11 13.26 -11.60 38.98
N TYR A 12 13.19 -12.45 37.96
CA TYR A 12 12.56 -12.03 36.70
C TYR A 12 11.07 -11.79 36.90
N TYR A 13 10.35 -12.81 37.41
CA TYR A 13 8.92 -12.68 37.60
C TYR A 13 8.58 -11.69 38.71
N ASP A 14 9.51 -11.44 39.63
CA ASP A 14 9.34 -10.32 40.56
C ASP A 14 9.39 -9.00 39.80
N ALA A 15 10.32 -8.86 38.86
CA ALA A 15 10.41 -7.63 38.08
C ALA A 15 9.21 -7.48 37.14
N LEU A 16 8.65 -8.60 36.68
CA LEU A 16 7.54 -8.52 35.73
C LEU A 16 6.24 -8.13 36.42
N PHE A 17 5.91 -8.81 37.53
CA PHE A 17 4.59 -8.67 38.13
C PHE A 17 4.50 -7.54 39.15
N SER A 18 5.60 -7.20 39.82
CA SER A 18 5.62 -6.06 40.74
C SER A 18 5.70 -4.79 39.91
N ILE A 19 4.53 -4.21 39.63
CA ILE A 19 4.45 -3.10 38.70
C ILE A 19 5.07 -1.84 39.28
N HIS A 20 5.00 -1.67 40.61
CA HIS A 20 5.50 -0.44 41.23
C HIS A 20 7.02 -0.36 41.17
N THR A 21 7.70 -1.48 41.37
CA THR A 21 9.16 -1.46 41.41
C THR A 21 9.72 -1.14 40.03
N PRO A 22 10.73 -0.29 39.94
CA PRO A 22 11.30 0.07 38.63
C PRO A 22 12.17 -1.03 38.07
N LEU A 23 12.18 -1.11 36.74
CA LEU A 23 13.02 -2.10 36.06
C LEU A 23 14.50 -1.81 36.25
N ALA A 24 14.87 -0.60 36.65
CA ALA A 24 16.27 -0.32 36.97
C ALA A 24 16.76 -1.17 38.12
N TYR A 25 15.87 -1.57 39.03
CA TYR A 25 16.25 -2.47 40.11
C TYR A 25 16.70 -3.82 39.58
N PHE A 26 16.02 -4.32 38.54
CA PHE A 26 16.39 -5.60 37.96
C PHE A 26 17.76 -5.53 37.30
N VAL A 27 18.09 -4.39 36.71
CA VAL A 27 19.38 -4.24 36.05
C VAL A 27 20.49 -3.96 37.07
N LYS A 28 20.23 -3.04 38.00
CA LYS A 28 21.29 -2.56 38.88
C LYS A 28 21.65 -3.58 39.96
N SER A 29 20.71 -4.45 40.35
CA SER A 29 20.95 -5.33 41.49
C SER A 29 20.73 -6.80 41.14
N ASN A 30 19.64 -7.11 40.46
CA ASN A 30 19.32 -8.52 40.19
C ASN A 30 20.32 -9.12 39.21
N LEU A 31 20.51 -8.48 38.05
CA LEU A 31 21.42 -9.02 37.05
C LEU A 31 22.87 -8.95 37.51
N VAL A 32 23.21 -7.97 38.36
CA VAL A 32 24.57 -7.86 38.86
C VAL A 32 24.87 -8.99 39.85
N ARG A 33 23.92 -9.28 40.75
CA ARG A 33 24.11 -10.37 41.69
C ARG A 33 24.22 -11.71 40.96
N LEU A 34 23.47 -11.87 39.87
CA LEU A 34 23.57 -13.10 39.08
C LEU A 34 24.93 -13.19 38.39
N LYS A 35 25.42 -12.08 37.84
CA LYS A 35 26.75 -12.07 37.23
C LYS A 35 27.84 -12.30 38.28
N ASN A 36 27.66 -11.78 39.49
CA ASN A 36 28.59 -12.07 40.57
C ASN A 36 28.54 -13.55 40.95
N THR A 37 27.39 -14.18 40.79
CA THR A 37 27.20 -15.56 41.22
C THR A 37 27.86 -16.55 40.26
N CYS A 38 27.60 -16.40 38.95
CA CYS A 38 28.28 -17.25 37.97
C CYS A 38 29.78 -17.03 38.02
N ARG A 39 30.23 -15.85 38.46
CA ARG A 39 31.65 -15.59 38.65
C ARG A 39 32.27 -16.56 39.64
N THR A 40 31.61 -16.74 40.79
CA THR A 40 32.15 -17.62 41.82
C THR A 40 32.16 -19.07 41.36
N LYS A 41 31.03 -19.55 40.85
CA LYS A 41 30.89 -20.97 40.53
C LYS A 41 31.64 -21.39 39.28
N TYR A 42 32.11 -20.46 38.46
CA TYR A 42 32.77 -20.81 37.20
C TYR A 42 34.11 -20.13 37.02
N GLY A 43 34.59 -19.39 38.02
CA GLY A 43 35.88 -18.73 37.94
C GLY A 43 35.78 -17.33 37.35
N SER A 44 36.94 -16.65 37.35
CA SER A 44 36.98 -15.27 36.86
C SER A 44 36.74 -15.20 35.36
N ASP A 45 37.06 -16.26 34.62
CA ASP A 45 36.79 -16.35 33.20
C ASP A 45 35.94 -17.59 32.95
N SER A 46 35.40 -17.66 31.73
CA SER A 46 34.49 -18.74 31.33
C SER A 46 33.27 -18.82 32.26
N TYR A 47 32.85 -17.66 32.79
CA TYR A 47 31.59 -17.54 33.49
C TYR A 47 30.54 -16.78 32.69
N LYS A 48 30.97 -15.95 31.73
CA LYS A 48 30.03 -15.35 30.80
C LYS A 48 29.32 -16.42 29.98
N ILE A 49 29.99 -17.54 29.71
CA ILE A 49 29.36 -18.64 29.00
C ILE A 49 28.19 -19.19 29.81
N ALA A 50 28.29 -19.16 31.14
CA ALA A 50 27.21 -19.62 32.01
C ALA A 50 26.24 -18.51 32.36
N TYR A 51 26.72 -17.26 32.44
CA TYR A 51 25.83 -16.14 32.74
C TYR A 51 24.89 -15.88 31.57
N GLN A 52 25.40 -15.95 30.33
CA GLN A 52 24.53 -15.78 29.18
C GLN A 52 23.64 -17.00 28.97
N ALA A 53 24.18 -18.20 29.23
CA ALA A 53 23.38 -19.40 29.07
C ALA A 53 22.14 -19.37 29.95
N MET A 54 22.22 -18.71 31.11
CA MET A 54 21.07 -18.64 32.01
C MET A 54 20.10 -17.54 31.57
N LEU A 55 20.62 -16.39 31.15
CA LEU A 55 19.76 -15.34 30.60
C LEU A 55 19.06 -15.83 29.34
N GLN A 56 19.76 -16.59 28.51
CA GLN A 56 19.18 -17.14 27.29
C GLN A 56 17.93 -17.97 27.59
N LYS A 57 17.90 -18.66 28.73
CA LYS A 57 16.75 -19.48 29.07
C LYS A 57 15.54 -18.67 29.50
N PHE A 58 15.70 -17.37 29.76
CA PHE A 58 14.57 -16.49 30.03
C PHE A 58 14.26 -15.58 28.86
N LEU A 59 15.12 -15.57 27.83
CA LEU A 59 14.85 -14.79 26.64
C LEU A 59 13.69 -15.40 25.88
N LEU A 60 12.71 -14.56 25.53
CA LEU A 60 11.53 -14.99 24.79
C LEU A 60 11.66 -14.59 23.33
N SER A 61 11.45 -15.54 22.44
CA SER A 61 11.34 -15.20 21.02
C SER A 61 10.07 -14.39 20.80
N ILE A 62 10.08 -13.59 19.74
CA ILE A 62 8.93 -12.73 19.46
C ILE A 62 7.68 -13.56 19.21
N VAL A 63 7.84 -14.78 18.69
CA VAL A 63 6.71 -15.68 18.54
C VAL A 63 6.22 -16.16 19.90
N GLN A 64 7.16 -16.54 20.77
CA GLN A 64 6.80 -16.98 22.12
C GLN A 64 6.11 -15.86 22.91
N PHE A 65 6.56 -14.61 22.70
CA PHE A 65 5.98 -13.50 23.44
C PHE A 65 4.51 -13.29 23.09
N LYS A 66 4.15 -13.48 21.82
CA LYS A 66 2.77 -13.25 21.40
C LYS A 66 1.85 -14.35 21.93
N ASP A 67 2.27 -15.61 21.80
CA ASP A 67 1.48 -16.71 22.36
C ASP A 67 1.36 -16.58 23.88
N ARG A 68 2.32 -15.89 24.51
CA ARG A 68 2.32 -15.72 25.96
C ARG A 68 1.35 -14.63 26.41
N HIS A 69 1.09 -13.62 25.57
CA HIS A 69 0.24 -12.51 25.93
C HIS A 69 -1.11 -12.52 25.22
N ASP A 70 -1.30 -13.39 24.21
CA ASP A 70 -2.58 -13.47 23.54
C ASP A 70 -3.67 -13.93 24.50
N ASN A 71 -4.87 -13.34 24.35
CA ASN A 71 -6.07 -13.80 25.04
C ASN A 71 -5.90 -13.79 26.56
N ARG A 72 -5.08 -12.85 27.06
CA ARG A 72 -4.87 -12.67 28.50
C ARG A 72 -4.35 -13.94 29.17
N LEU A 73 -3.61 -14.77 28.42
CA LEU A 73 -3.08 -16.01 28.97
C LEU A 73 -2.00 -15.78 30.01
N LEU A 74 -1.43 -14.57 30.08
CA LEU A 74 -0.43 -14.29 31.11
C LEU A 74 -1.03 -14.37 32.50
N LEU A 75 -2.33 -14.09 32.63
CA LEU A 75 -3.01 -14.23 33.91
C LEU A 75 -3.38 -15.67 34.23
N GLU A 76 -3.17 -16.60 33.29
CA GLU A 76 -3.42 -18.01 33.53
C GLU A 76 -2.22 -18.64 34.24
N PRO A 77 -2.45 -19.74 34.97
CA PRO A 77 -1.40 -20.26 35.87
C PRO A 77 -0.13 -20.66 35.13
N PHE A 78 1.01 -20.35 35.75
CA PHE A 78 2.31 -20.83 35.30
C PHE A 78 2.62 -22.18 35.93
N SER A 79 3.48 -22.94 35.25
CA SER A 79 3.78 -24.29 35.70
C SER A 79 4.58 -24.28 37.01
N SER A 80 5.66 -23.50 37.04
CA SER A 80 6.52 -23.45 38.23
C SER A 80 5.82 -22.68 39.35
N PRO A 81 5.80 -23.23 40.58
CA PRO A 81 5.20 -22.47 41.69
C PRO A 81 5.88 -21.14 41.94
N ILE A 82 7.16 -21.01 41.60
CA ILE A 82 7.87 -19.75 41.81
C ILE A 82 7.23 -18.65 40.96
N ALA A 83 7.12 -18.88 39.66
CA ALA A 83 6.55 -17.87 38.77
C ALA A 83 5.06 -17.69 39.03
N ASP A 84 4.35 -18.77 39.33
CA ASP A 84 2.90 -18.70 39.48
C ASP A 84 2.51 -17.86 40.69
N GLU A 85 3.33 -17.85 41.74
CA GLU A 85 3.00 -17.09 42.95
C GLU A 85 3.02 -15.60 42.68
N LYS A 86 4.03 -15.12 41.95
CA LYS A 86 4.07 -13.70 41.58
C LYS A 86 2.87 -13.32 40.72
N ARG A 87 2.37 -14.25 39.90
CA ARG A 87 1.17 -13.99 39.12
C ARG A 87 -0.04 -13.81 40.03
N LYS A 88 -0.19 -14.69 41.02
CA LYS A 88 -1.36 -14.62 41.88
C LYS A 88 -1.32 -13.37 42.77
N ASN A 89 -0.15 -13.03 43.29
CA ASN A 89 -0.05 -11.88 44.20
C ASN A 89 -0.38 -10.58 43.49
N CYS A 90 0.10 -10.41 42.26
CA CYS A 90 -0.26 -9.22 41.48
C CYS A 90 -1.75 -9.20 41.17
N LEU A 91 -2.34 -10.38 40.93
CA LEU A 91 -3.78 -10.45 40.79
C LEU A 91 -4.48 -10.01 42.07
N THR A 92 -4.00 -10.46 43.22
CA THR A 92 -4.60 -10.04 44.48
C THR A 92 -4.53 -8.53 44.67
N LYS A 93 -3.49 -7.89 44.16
CA LYS A 93 -3.28 -6.47 44.39
C LYS A 93 -4.00 -5.58 43.39
N PHE A 94 -4.10 -5.99 42.13
CA PHE A 94 -4.60 -5.12 41.07
C PHE A 94 -6.00 -5.46 40.58
N VAL A 95 -6.40 -6.73 40.54
CA VAL A 95 -7.72 -7.10 40.05
C VAL A 95 -8.68 -7.49 41.16
N ILE A 96 -8.20 -7.94 42.32
CA ILE A 96 -9.05 -8.48 43.37
C ILE A 96 -9.24 -7.49 44.51
N GLN A 97 -8.19 -6.74 44.88
CA GLN A 97 -8.28 -5.78 45.97
C GLN A 97 -8.46 -4.34 45.48
N ASP A 98 -9.03 -4.18 44.28
CA ASP A 98 -9.45 -2.89 43.75
C ASP A 98 -10.96 -2.93 43.60
N GLU A 99 -11.66 -2.09 44.35
CA GLU A 99 -13.11 -2.23 44.43
C GLU A 99 -13.80 -1.42 43.33
N ASN A 100 -15.02 -1.84 43.02
CA ASN A 100 -15.75 -1.47 41.81
C ASN A 100 -14.80 -1.47 40.61
N LYS A 101 -14.26 -2.65 40.36
CA LYS A 101 -13.60 -2.94 39.10
C LYS A 101 -14.53 -2.62 37.94
N ASN A 102 -13.94 -2.23 36.81
CA ASN A 102 -14.64 -2.31 35.55
C ASN A 102 -14.12 -3.51 34.75
N SER A 103 -14.82 -3.83 33.67
CA SER A 103 -14.31 -4.87 32.79
C SER A 103 -13.02 -4.45 32.11
N SER A 104 -12.74 -3.15 32.06
CA SER A 104 -11.47 -2.64 31.54
C SER A 104 -10.29 -2.98 32.44
N THR A 105 -10.53 -3.40 33.68
CA THR A 105 -9.43 -3.62 34.61
C THR A 105 -8.54 -4.76 34.17
N ILE A 106 -9.12 -5.90 33.79
CA ILE A 106 -8.32 -7.03 33.34
C ILE A 106 -7.54 -6.66 32.07
N ALA A 107 -8.21 -6.00 31.13
CA ALA A 107 -7.52 -5.55 29.92
C ALA A 107 -6.40 -4.58 30.25
N ASP A 108 -6.65 -3.65 31.19
CA ASP A 108 -5.62 -2.69 31.56
C ASP A 108 -4.45 -3.37 32.27
N LEU A 109 -4.71 -4.43 33.02
CA LEU A 109 -3.63 -5.13 33.71
C LEU A 109 -2.73 -5.87 32.72
N CYS A 110 -3.30 -6.38 31.63
CA CYS A 110 -2.51 -7.12 30.65
C CYS A 110 -1.67 -6.20 29.77
N VAL A 111 -2.25 -5.09 29.31
CA VAL A 111 -1.48 -4.16 28.48
C VAL A 111 -0.35 -3.54 29.29
N VAL A 112 -0.54 -3.35 30.59
CA VAL A 112 0.53 -2.88 31.45
C VAL A 112 1.64 -3.94 31.54
N LEU A 113 1.25 -5.19 31.79
CA LEU A 113 2.24 -6.26 31.87
C LEU A 113 2.89 -6.53 30.53
N LYS A 114 2.14 -6.36 29.43
CA LYS A 114 2.70 -6.59 28.10
C LYS A 114 3.76 -5.56 27.76
N SER A 115 3.44 -4.27 27.97
CA SER A 115 4.41 -3.22 27.71
C SER A 115 5.60 -3.31 28.64
N ARG A 116 5.39 -3.84 29.85
CA ARG A 116 6.49 -3.95 30.81
C ARG A 116 7.45 -5.08 30.41
N GLU A 117 6.90 -6.23 30.01
CA GLU A 117 7.76 -7.35 29.63
C GLU A 117 8.48 -7.11 28.31
N ILE A 118 7.95 -6.25 27.44
CA ILE A 118 8.68 -5.85 26.25
C ILE A 118 10.00 -5.20 26.64
N LYS A 119 9.93 -4.20 27.52
CA LYS A 119 11.13 -3.55 28.01
C LYS A 119 12.02 -4.55 28.74
N LEU A 120 11.42 -5.45 29.52
CA LEU A 120 12.19 -6.47 30.24
C LEU A 120 12.95 -7.36 29.27
N GLN A 121 12.30 -7.78 28.18
CA GLN A 121 12.98 -8.61 27.19
C GLN A 121 14.03 -7.81 26.41
N ILE A 122 13.79 -6.51 26.21
CA ILE A 122 14.81 -5.67 25.60
C ILE A 122 16.06 -5.63 26.49
N LEU A 123 15.87 -5.62 27.80
CA LEU A 123 17.01 -5.63 28.72
C LEU A 123 17.82 -6.90 28.58
N LEU A 124 17.16 -8.06 28.55
CA LEU A 124 17.88 -9.32 28.35
C LEU A 124 18.60 -9.33 27.01
N LEU A 125 17.96 -8.81 25.96
CA LEU A 125 18.59 -8.77 24.65
C LEU A 125 19.81 -7.86 24.66
N LEU A 126 19.68 -6.67 25.25
CA LEU A 126 20.81 -5.75 25.31
C LEU A 126 21.98 -6.35 26.09
N GLU A 127 21.67 -7.12 27.15
CA GLU A 127 22.72 -7.79 27.91
C GLU A 127 23.40 -8.88 27.08
N ILE A 128 22.61 -9.64 26.33
CA ILE A 128 23.19 -10.69 25.49
C ILE A 128 24.00 -10.07 24.35
N ILE A 129 23.51 -8.96 23.80
CA ILE A 129 24.25 -8.26 22.74
C ILE A 129 25.62 -7.82 23.25
N GLY A 130 25.69 -7.37 24.51
CA GLY A 130 26.97 -6.96 25.06
C GLY A 130 27.90 -8.13 25.31
N LEU A 131 27.37 -9.23 25.85
CA LEU A 131 28.22 -10.38 26.15
C LEU A 131 28.81 -11.00 24.90
N ASN A 132 28.10 -10.90 23.77
CA ASN A 132 28.55 -11.49 22.51
C ASN A 132 29.22 -10.47 21.60
N ASP A 133 29.43 -9.24 22.07
CA ASP A 133 30.08 -8.19 21.29
C ASP A 133 29.42 -8.01 19.93
N LEU A 134 28.11 -7.77 19.98
CA LEU A 134 27.30 -7.57 18.77
C LEU A 134 26.87 -6.12 18.60
N ASP A 135 27.32 -5.21 19.45
CA ASP A 135 26.88 -3.82 19.39
C ASP A 135 27.24 -3.14 18.08
N TRP A 136 28.28 -3.63 17.39
CA TRP A 136 28.67 -3.03 16.12
C TRP A 136 27.55 -3.11 15.08
N ASN A 137 26.65 -4.08 15.22
CA ASN A 137 25.59 -4.29 14.25
C ASN A 137 24.63 -3.11 14.16
N PHE A 138 24.59 -2.25 15.19
CA PHE A 138 23.58 -1.21 15.28
C PHE A 138 24.07 0.15 14.77
N ARG A 139 25.14 0.16 13.99
CA ARG A 139 25.59 1.43 13.41
C ARG A 139 24.71 1.82 12.23
N ASP A 140 24.84 1.12 11.11
CA ASP A 140 23.93 1.29 9.99
C ASP A 140 23.04 0.06 9.88
N PHE A 141 22.26 -0.21 10.93
CA PHE A 141 21.43 -1.41 10.96
C PHE A 141 20.50 -1.48 9.77
N GLU A 142 19.96 -0.34 9.34
CA GLU A 142 19.07 -0.31 8.19
C GLU A 142 19.79 -0.77 6.92
N LYS A 143 21.08 -0.43 6.79
CA LYS A 143 21.81 -0.75 5.58
C LYS A 143 22.28 -2.20 5.57
N LYS A 144 22.61 -2.77 6.73
CA LYS A 144 23.01 -4.17 6.78
C LYS A 144 21.80 -5.09 6.63
N TYR A 145 20.63 -4.69 7.13
CA TYR A 145 19.46 -5.54 7.15
C TYR A 145 18.88 -5.80 5.76
N LYS A 146 19.35 -5.08 4.74
CA LYS A 146 18.80 -5.26 3.39
C LYS A 146 19.01 -6.67 2.86
N LEU A 147 19.99 -7.41 3.39
CA LEU A 147 20.22 -8.78 2.92
C LEU A 147 19.15 -9.72 3.47
N LYS A 148 18.84 -9.61 4.77
CA LYS A 148 17.75 -10.39 5.33
C LYS A 148 16.40 -9.93 4.78
N LEU A 149 16.28 -8.63 4.48
CA LEU A 149 15.05 -8.12 3.87
C LEU A 149 14.73 -8.84 2.56
N LYS A 150 15.76 -9.12 1.75
CA LYS A 150 15.57 -9.88 0.53
C LYS A 150 15.16 -11.33 0.83
N LYS A 151 15.68 -11.89 1.92
CA LYS A 151 15.26 -13.23 2.32
C LYS A 151 13.79 -13.25 2.70
N ARG A 152 13.33 -12.24 3.43
CA ARG A 152 11.93 -12.20 3.84
C ARG A 152 11.00 -12.04 2.64
N SER A 153 11.38 -11.20 1.68
CA SER A 153 10.55 -11.01 0.49
C SER A 153 10.47 -12.30 -0.33
N LEU A 154 11.57 -13.03 -0.43
CA LEU A 154 11.54 -14.31 -1.11
C LEU A 154 10.69 -15.33 -0.36
N ASN A 155 10.69 -15.26 0.97
CA ASN A 155 9.91 -16.22 1.76
C ASN A 155 8.41 -16.00 1.61
N LEU A 156 7.98 -14.75 1.42
CA LEU A 156 6.57 -14.49 1.15
C LEU A 156 6.11 -15.22 -0.11
N THR A 157 7.00 -15.34 -1.09
CA THR A 157 6.65 -16.01 -2.34
C THR A 157 6.58 -17.53 -2.17
N LYS A 158 7.37 -18.08 -1.26
CA LYS A 158 7.54 -19.54 -1.18
C LYS A 158 6.25 -20.26 -0.81
N LYS A 159 5.28 -19.57 -0.21
CA LYS A 159 4.05 -20.25 0.20
C LYS A 159 3.11 -20.48 -0.97
N GLY A 160 2.98 -19.49 -1.85
CA GLY A 160 2.09 -19.63 -3.00
C GLY A 160 2.75 -20.23 -4.22
N LEU A 161 3.84 -20.96 -4.01
CA LEU A 161 4.61 -21.56 -5.09
C LEU A 161 4.67 -23.08 -4.91
N VAL A 162 5.49 -23.73 -5.73
CA VAL A 162 5.56 -25.18 -5.86
C VAL A 162 4.13 -25.69 -5.94
N ARG A 163 3.49 -25.48 -7.09
CA ARG A 163 2.11 -25.90 -7.30
C ARG A 163 2.03 -26.87 -8.47
N LEU A 184 18.45 -16.79 17.89
CA LEU A 184 19.67 -16.88 17.11
C LEU A 184 20.15 -15.49 16.66
N ASP A 185 19.22 -14.69 16.15
CA ASP A 185 19.51 -13.35 15.63
C ASP A 185 18.98 -12.34 16.65
N TYR A 186 19.83 -12.02 17.63
CA TYR A 186 19.38 -11.17 18.74
C TYR A 186 19.11 -9.74 18.29
N CYS A 187 19.82 -9.26 17.28
CA CYS A 187 19.63 -7.87 16.84
C CYS A 187 18.32 -7.71 16.08
N GLU A 188 17.93 -8.71 15.28
CA GLU A 188 16.62 -8.69 14.66
C GLU A 188 15.52 -8.84 15.70
N GLN A 189 15.78 -9.64 16.74
CA GLN A 189 14.81 -9.79 17.82
C GLN A 189 14.59 -8.47 18.55
N LEU A 190 15.68 -7.73 18.81
CA LEU A 190 15.54 -6.42 19.44
C LEU A 190 14.75 -5.46 18.56
N ASP A 191 14.99 -5.51 17.24
CA ASP A 191 14.25 -4.66 16.32
C ASP A 191 12.77 -5.03 16.31
N LEU A 192 12.46 -6.32 16.40
CA LEU A 192 11.06 -6.75 16.40
C LEU A 192 10.35 -6.33 17.68
N TYR A 193 11.05 -6.40 18.82
CA TYR A 193 10.45 -5.96 20.07
C TYR A 193 10.17 -4.46 20.06
N LEU A 194 11.10 -3.67 19.52
CA LEU A 194 10.88 -2.24 19.41
C LEU A 194 9.68 -1.94 18.51
N ASP A 195 9.56 -2.67 17.40
CA ASP A 195 8.38 -2.54 16.55
C ASP A 195 7.11 -2.86 17.33
N ARG A 196 7.14 -3.95 18.10
CA ARG A 196 5.97 -4.32 18.90
C ARG A 196 5.69 -3.30 20.00
N ALA A 197 6.74 -2.68 20.55
CA ALA A 197 6.53 -1.66 21.57
C ALA A 197 5.90 -0.41 20.98
N CYS A 198 6.25 -0.07 19.74
CA CYS A 198 5.70 1.13 19.11
C CYS A 198 4.21 0.95 18.80
N ILE A 199 3.83 -0.24 18.33
CA ILE A 199 2.42 -0.52 18.05
C ILE A 199 1.59 -0.38 19.32
N LEU A 200 2.12 -0.86 20.45
CA LEU A 200 1.41 -0.72 21.72
C LEU A 200 1.22 0.75 22.07
N ASP A 201 2.25 1.57 21.87
CA ASP A 201 2.15 2.99 22.22
C ASP A 201 1.20 3.73 21.30
N ILE A 202 1.27 3.44 19.99
CA ILE A 202 0.43 4.16 19.03
C ILE A 202 -1.05 3.89 19.30
N LEU A 203 -1.41 2.63 19.55
CA LEU A 203 -2.80 2.29 19.77
C LEU A 203 -3.29 2.72 21.15
N LEU A 204 -2.42 2.72 22.15
CA LEU A 204 -2.82 3.22 23.47
C LEU A 204 -3.08 4.72 23.44
N SER A 205 -2.36 5.46 22.59
CA SER A 205 -2.63 6.88 22.44
C SER A 205 -3.91 7.10 21.64
N SER A 206 -4.07 6.36 20.54
CA SER A 206 -5.23 6.54 19.66
C SER A 206 -6.50 5.94 20.24
N GLU A 207 -6.42 5.14 21.31
CA GLU A 207 -7.62 4.68 21.98
C GLU A 207 -8.50 5.86 22.39
N THR A 208 -7.88 6.97 22.81
CA THR A 208 -8.32 8.34 23.10
C THR A 208 -8.52 8.67 24.58
N PRO A 209 -9.10 7.77 25.47
CA PRO A 209 -9.69 8.23 26.75
C PRO A 209 -9.31 9.62 27.23
N ASN A 210 -10.05 10.62 26.75
CA ASN A 210 -9.79 12.03 27.09
C ASN A 210 -9.70 12.25 28.60
N SER A 217 -3.56 5.40 43.89
CA SER A 217 -4.31 6.48 43.27
C SER A 217 -5.14 5.97 42.10
N ASN A 218 -6.18 6.72 41.74
CA ASN A 218 -7.17 6.29 40.74
C ASN A 218 -7.64 4.89 41.08
N GLY A 219 -7.85 4.07 40.05
CA GLY A 219 -7.76 2.64 40.23
C GLY A 219 -6.29 2.31 40.09
N THR A 220 -5.69 1.69 41.11
CA THR A 220 -4.22 1.60 41.15
C THR A 220 -3.66 0.88 39.92
N ILE A 221 -4.44 0.00 39.30
CA ILE A 221 -4.00 -0.59 38.04
C ILE A 221 -4.17 0.40 36.90
N GLN A 222 -5.18 1.27 36.96
CA GLN A 222 -5.32 2.31 35.95
C GLN A 222 -4.09 3.21 35.94
N GLU A 223 -3.80 3.85 37.08
CA GLU A 223 -2.68 4.80 37.19
C GLU A 223 -1.43 4.28 36.52
N HIS A 224 -1.19 2.96 36.60
CA HIS A 224 -0.03 2.37 35.94
C HIS A 224 -0.18 2.38 34.42
N LYS A 225 -1.40 2.16 33.93
CA LYS A 225 -1.65 2.22 32.49
C LYS A 225 -1.37 3.61 31.94
N LYS A 226 -1.56 4.65 32.77
CA LYS A 226 -1.36 6.01 32.31
C LYS A 226 0.12 6.37 32.26
N ASN A 227 0.95 5.70 33.07
CA ASN A 227 2.39 5.91 33.04
C ASN A 227 3.02 5.36 31.77
N ILE A 228 2.32 4.49 31.03
CA ILE A 228 2.86 3.95 29.79
C ILE A 228 3.10 5.06 28.79
N LEU A 229 2.29 6.11 28.82
CA LEU A 229 2.43 7.23 27.91
C LEU A 229 2.98 8.49 28.56
N ASP A 230 3.34 8.43 29.85
CA ASP A 230 3.86 9.58 30.57
C ASP A 230 5.38 9.51 30.54
N LYS A 231 5.99 10.41 29.77
CA LYS A 231 7.44 10.44 29.62
C LYS A 231 8.16 10.79 30.93
N SER A 232 7.42 11.16 31.97
CA SER A 232 8.02 11.32 33.29
C SER A 232 8.30 9.99 33.96
N LYS A 233 7.63 8.92 33.54
CA LYS A 233 7.68 7.64 34.22
C LYS A 233 8.61 6.66 33.51
N GLU A 234 9.18 5.74 34.29
CA GLU A 234 10.00 4.68 33.71
C GLU A 234 9.17 3.75 32.83
N ALA A 235 7.85 3.69 33.04
CA ALA A 235 6.99 2.82 32.26
C ALA A 235 6.84 3.27 30.81
N SER A 236 7.15 4.52 30.51
CA SER A 236 7.08 5.01 29.14
C SER A 236 8.36 4.68 28.39
N LEU A 237 8.30 4.86 27.06
CA LEU A 237 9.48 4.61 26.24
C LEU A 237 10.57 5.66 26.51
N VAL A 238 10.17 6.94 26.59
CA VAL A 238 11.13 8.00 26.88
C VAL A 238 11.74 7.80 28.26
N GLY A 239 10.90 7.50 29.25
CA GLY A 239 11.41 7.28 30.59
C GLY A 239 12.26 6.02 30.68
N PHE A 240 11.87 4.97 29.95
CA PHE A 240 12.69 3.76 29.92
C PHE A 240 14.06 4.03 29.32
N ILE A 241 14.13 4.94 28.35
CA ILE A 241 15.43 5.30 27.76
C ILE A 241 16.27 6.07 28.78
N ASN A 242 15.70 7.13 29.35
CA ASN A 242 16.47 8.03 30.20
C ASN A 242 16.77 7.46 31.57
N TYR A 243 15.98 6.49 32.04
CA TYR A 243 16.12 5.99 33.40
C TYR A 243 16.69 4.58 33.49
N VAL A 244 16.75 3.84 32.38
CA VAL A 244 17.23 2.46 32.42
C VAL A 244 18.30 2.23 31.36
N LEU A 245 18.03 2.68 30.13
CA LEU A 245 18.91 2.36 29.01
C LEU A 245 20.17 3.23 29.03
N ILE A 246 20.00 4.55 29.04
CA ILE A 246 21.16 5.45 29.08
C ILE A 246 21.97 5.26 30.36
N PRO A 247 21.37 5.21 31.56
CA PRO A 247 22.22 5.06 32.76
C PRO A 247 23.00 3.76 32.82
N TYR A 248 22.38 2.62 32.52
CA TYR A 248 22.98 1.32 32.79
C TYR A 248 23.45 0.57 31.55
N PHE A 249 23.23 1.10 30.35
CA PHE A 249 23.62 0.38 29.14
C PHE A 249 24.40 1.22 28.14
N ASN A 250 24.51 2.54 28.33
CA ASN A 250 25.14 3.38 27.33
C ASN A 250 26.64 3.12 27.21
N LYS A 251 27.30 2.74 28.29
CA LYS A 251 28.73 2.49 28.27
C LYS A 251 29.08 1.06 27.85
N LYS A 252 28.12 0.14 27.90
CA LYS A 252 28.37 -1.24 27.49
C LYS A 252 27.90 -1.54 26.08
N VAL A 253 26.86 -0.88 25.60
CA VAL A 253 26.27 -1.21 24.31
C VAL A 253 25.85 0.07 23.61
N PRO A 254 26.77 1.03 23.42
CA PRO A 254 26.36 2.38 23.01
C PRO A 254 25.67 2.46 21.67
N HIS A 255 26.05 1.63 20.70
CA HIS A 255 25.40 1.68 19.39
C HIS A 255 23.95 1.23 19.48
N ALA A 256 23.68 0.18 20.27
CA ALA A 256 22.31 -0.31 20.40
C ALA A 256 21.43 0.71 21.12
N VAL A 257 21.97 1.38 22.13
CA VAL A 257 21.19 2.41 22.82
C VAL A 257 20.82 3.54 21.87
N GLU A 258 21.79 3.98 21.06
CA GLU A 258 21.49 5.00 20.05
C GLU A 258 20.52 4.46 19.00
N PHE A 259 20.65 3.18 18.64
CA PHE A 259 19.71 2.57 17.70
C PHE A 259 18.30 2.55 18.27
N ILE A 260 18.16 2.18 19.55
CA ILE A 260 16.85 2.18 20.18
C ILE A 260 16.28 3.59 20.22
N ILE A 261 17.14 4.58 20.48
CA ILE A 261 16.68 5.96 20.54
C ILE A 261 16.20 6.42 19.17
N GLN A 262 16.99 6.18 18.13
CA GLN A 262 16.61 6.61 16.79
C GLN A 262 15.29 5.98 16.34
N LYS A 263 15.00 4.76 16.79
CA LYS A 263 13.78 4.09 16.38
C LYS A 263 12.57 4.60 17.17
N LEU A 264 12.72 4.76 18.49
CA LEU A 264 11.59 5.19 19.30
C LEU A 264 11.30 6.67 19.12
N LYS A 265 12.34 7.50 19.01
CA LYS A 265 12.12 8.93 18.76
C LYS A 265 11.53 9.16 17.38
N GLY A 266 12.01 8.41 16.38
CA GLY A 266 11.52 8.55 15.03
C GLY A 266 12.18 9.69 14.28
N PRO A 267 12.25 9.57 12.94
CA PRO A 267 12.84 10.60 12.09
C PRO A 267 11.89 11.78 11.85
N MET B 1 -1.10 -19.41 -23.34
CA MET B 1 -0.32 -18.89 -24.46
C MET B 1 -0.42 -17.38 -24.54
N TYR B 2 0.31 -16.78 -25.48
CA TYR B 2 0.30 -15.34 -25.65
C TYR B 2 0.40 -14.99 -27.12
N TYR B 3 -0.02 -13.77 -27.44
CA TYR B 3 0.05 -13.22 -28.78
C TYR B 3 1.09 -12.11 -28.81
N GLY B 4 1.99 -12.16 -29.79
CA GLY B 4 2.89 -11.05 -30.01
C GLY B 4 2.17 -9.83 -30.52
N ILE B 5 2.90 -8.72 -30.57
CA ILE B 5 2.32 -7.47 -31.08
C ILE B 5 1.86 -7.66 -32.52
N SER B 6 2.56 -8.50 -33.29
CA SER B 6 2.16 -8.75 -34.67
C SER B 6 0.84 -9.51 -34.76
N GLN B 7 0.54 -10.35 -33.78
CA GLN B 7 -0.62 -11.22 -33.81
C GLN B 7 -1.88 -10.59 -33.23
N PHE B 8 -1.88 -9.27 -33.03
CA PHE B 8 -3.05 -8.62 -32.42
C PHE B 8 -4.26 -8.69 -33.34
N SER B 9 -4.06 -8.38 -34.63
CA SER B 9 -5.15 -8.49 -35.58
C SER B 9 -5.61 -9.94 -35.76
N GLU B 10 -4.68 -10.89 -35.66
CA GLU B 10 -5.04 -12.30 -35.76
C GLU B 10 -5.98 -12.71 -34.63
N ALA B 11 -5.63 -12.33 -33.40
CA ALA B 11 -6.50 -12.63 -32.27
C ALA B 11 -7.81 -11.86 -32.35
N TYR B 12 -7.78 -10.64 -32.88
CA TYR B 12 -9.02 -9.88 -33.06
C TYR B 12 -9.95 -10.57 -34.04
N ASN B 13 -9.40 -11.11 -35.13
CA ASN B 13 -10.22 -11.87 -36.07
C ASN B 13 -10.82 -13.10 -35.40
N LYS B 14 -10.07 -13.75 -34.52
CA LYS B 14 -10.58 -14.91 -33.81
C LYS B 14 -11.78 -14.54 -32.92
N ILE B 15 -11.73 -13.36 -32.31
CA ILE B 15 -12.87 -12.91 -31.51
C ILE B 15 -14.02 -12.50 -32.40
N LEU B 16 -13.73 -11.76 -33.46
CA LEU B 16 -14.78 -11.34 -34.40
C LEU B 16 -15.42 -12.54 -35.09
N ARG B 17 -14.65 -13.59 -35.33
CA ARG B 17 -15.21 -14.79 -35.94
C ARG B 17 -16.14 -15.51 -34.99
N ASN B 18 -15.65 -15.84 -33.79
CA ASN B 18 -16.41 -16.66 -32.86
C ASN B 18 -17.63 -15.92 -32.31
N SER B 19 -17.54 -14.58 -32.17
CA SER B 19 -18.65 -13.82 -31.62
C SER B 19 -19.72 -13.49 -32.64
N SER B 20 -19.39 -13.52 -33.93
CA SER B 20 -20.36 -13.31 -34.99
C SER B 20 -20.86 -14.62 -35.60
N SER B 21 -20.67 -15.73 -34.89
CA SER B 21 -21.22 -17.01 -35.31
C SER B 21 -22.71 -17.14 -35.01
N HIS B 22 -23.30 -16.15 -34.35
CA HIS B 22 -24.70 -16.18 -33.94
C HIS B 22 -25.11 -14.76 -33.59
N SER B 23 -26.33 -14.38 -33.98
CA SER B 23 -26.85 -13.07 -33.62
C SER B 23 -26.85 -12.87 -32.11
N SER B 24 -26.99 -13.95 -31.35
CA SER B 24 -27.01 -13.85 -29.89
C SER B 24 -25.66 -13.36 -29.38
N CYS B 25 -25.69 -12.70 -28.22
CA CYS B 25 -24.49 -12.17 -27.61
C CYS B 25 -23.66 -13.31 -27.03
N GLN B 26 -22.47 -13.53 -27.61
CA GLN B 26 -21.54 -14.52 -27.12
C GLN B 26 -20.19 -13.90 -26.77
N LEU B 27 -20.16 -12.59 -26.54
CA LEU B 27 -18.94 -11.85 -26.24
C LEU B 27 -19.14 -11.07 -24.94
N VAL B 28 -18.28 -11.30 -23.97
CA VAL B 28 -18.37 -10.65 -22.67
C VAL B 28 -17.00 -10.07 -22.32
N ILE B 29 -16.97 -8.83 -21.86
CA ILE B 29 -15.74 -8.14 -21.51
C ILE B 29 -15.77 -7.86 -20.01
N PHE B 30 -14.85 -8.46 -19.27
CA PHE B 30 -14.71 -8.22 -17.83
C PHE B 30 -13.75 -7.05 -17.64
N VAL B 31 -14.26 -5.94 -17.11
CA VAL B 31 -13.51 -4.70 -16.97
C VAL B 31 -13.06 -4.55 -15.53
N SER B 32 -11.78 -4.23 -15.33
CA SER B 32 -11.30 -3.86 -14.00
C SER B 32 -11.98 -2.58 -13.58
N CYS B 33 -12.76 -2.66 -12.49
CA CYS B 33 -13.78 -1.66 -12.20
C CYS B 33 -13.22 -0.26 -11.94
N LEU B 34 -11.96 -0.14 -11.51
CA LEU B 34 -11.50 1.14 -10.97
C LEU B 34 -10.13 1.52 -11.49
N ASN B 35 -9.91 1.40 -12.80
CA ASN B 35 -8.71 1.99 -13.40
C ASN B 35 -9.05 2.49 -14.79
N ILE B 36 -8.55 3.69 -15.10
CA ILE B 36 -9.03 4.42 -16.28
C ILE B 36 -8.51 3.78 -17.57
N ASP B 37 -7.29 3.24 -17.54
CA ASP B 37 -6.75 2.61 -18.74
C ASP B 37 -7.62 1.46 -19.20
N ALA B 38 -8.10 0.64 -18.26
CA ALA B 38 -9.02 -0.44 -18.64
C ALA B 38 -10.39 0.11 -19.03
N LEU B 39 -10.82 1.18 -18.37
CA LEU B 39 -12.14 1.76 -18.67
C LEU B 39 -12.20 2.26 -20.10
N CYS B 40 -11.16 2.98 -20.54
CA CYS B 40 -11.14 3.53 -21.89
C CYS B 40 -10.85 2.47 -22.94
N ALA B 41 -10.08 1.44 -22.58
CA ALA B 41 -9.76 0.37 -23.53
C ALA B 41 -11.02 -0.40 -23.91
N THR B 42 -11.84 -0.77 -22.92
CA THR B 42 -13.08 -1.47 -23.23
C THR B 42 -14.07 -0.58 -23.96
N LYS B 43 -14.07 0.73 -23.67
CA LYS B 43 -14.90 1.66 -24.43
C LYS B 43 -14.48 1.69 -25.89
N MET B 44 -13.18 1.68 -26.16
CA MET B 44 -12.70 1.54 -27.53
C MET B 44 -13.15 0.22 -28.13
N LEU B 45 -13.04 -0.86 -27.37
CA LEU B 45 -13.43 -2.17 -27.87
C LEU B 45 -14.93 -2.24 -28.14
N SER B 46 -15.74 -1.78 -27.17
CA SER B 46 -17.19 -1.82 -27.35
C SER B 46 -17.61 -0.95 -28.53
N LEU B 47 -17.08 0.27 -28.61
CA LEU B 47 -17.35 1.13 -29.77
C LEU B 47 -16.92 0.44 -31.06
N LEU B 48 -15.78 -0.26 -31.03
CA LEU B 48 -15.38 -1.06 -32.19
C LEU B 48 -16.43 -2.11 -32.52
N PHE B 49 -16.86 -2.85 -31.51
CA PHE B 49 -17.93 -3.84 -31.68
C PHE B 49 -19.32 -3.21 -31.73
N LYS B 50 -19.42 -1.89 -31.69
CA LYS B 50 -20.69 -1.19 -31.85
C LYS B 50 -20.76 -0.43 -33.17
N LYS B 51 -19.71 0.33 -33.51
CA LYS B 51 -19.58 0.84 -34.86
C LYS B 51 -19.66 -0.29 -35.87
N GLN B 52 -19.35 -1.49 -35.39
CA GLN B 52 -19.47 -2.73 -36.17
C GLN B 52 -20.24 -3.77 -35.33
N LEU B 53 -21.57 -3.64 -35.38
CA LEU B 53 -22.62 -4.53 -34.88
C LEU B 53 -22.31 -5.88 -34.20
N VAL B 54 -21.28 -6.02 -33.37
CA VAL B 54 -21.10 -7.24 -32.58
C VAL B 54 -21.71 -7.02 -31.20
N GLN B 55 -22.69 -7.85 -30.84
CA GLN B 55 -23.34 -7.71 -29.53
C GLN B 55 -22.34 -8.05 -28.44
N SER B 56 -21.88 -7.03 -27.72
CA SER B 56 -20.93 -7.17 -26.63
C SER B 56 -21.65 -6.96 -25.30
N GLN B 57 -20.91 -7.13 -24.22
CA GLN B 57 -21.47 -6.88 -22.90
C GLN B 57 -20.36 -6.56 -21.91
N ILE B 58 -20.54 -5.47 -21.18
CA ILE B 58 -19.51 -4.94 -20.28
C ILE B 58 -19.90 -5.28 -18.85
N VAL B 59 -18.95 -5.88 -18.12
CA VAL B 59 -19.19 -6.28 -16.73
C VAL B 59 -18.08 -5.71 -15.86
N PRO B 60 -18.38 -4.75 -14.99
CA PRO B 60 -17.34 -4.23 -14.09
C PRO B 60 -16.92 -5.28 -13.06
N ILE B 61 -15.61 -5.49 -12.95
CA ILE B 61 -15.04 -6.46 -12.03
C ILE B 61 -14.16 -5.71 -11.04
N PHE B 62 -14.53 -5.74 -9.76
CA PHE B 62 -13.78 -5.00 -8.76
C PHE B 62 -12.50 -5.71 -8.37
N GLY B 63 -12.59 -7.01 -8.07
CA GLY B 63 -11.42 -7.75 -7.65
C GLY B 63 -11.56 -9.21 -8.02
N TYR B 64 -10.55 -9.99 -7.64
CA TYR B 64 -10.57 -11.42 -7.91
C TYR B 64 -11.70 -12.12 -7.17
N SER B 65 -12.18 -11.54 -6.07
CA SER B 65 -13.41 -12.04 -5.44
C SER B 65 -14.58 -11.97 -6.42
N GLU B 66 -14.72 -10.83 -7.11
CA GLU B 66 -15.79 -10.68 -8.09
C GLU B 66 -15.49 -11.39 -9.40
N LEU B 67 -14.22 -11.66 -9.70
CA LEU B 67 -13.90 -12.39 -10.93
C LEU B 67 -14.39 -13.83 -10.85
N ARG B 68 -14.08 -14.51 -9.75
CA ARG B 68 -14.47 -15.90 -9.61
C ARG B 68 -15.99 -16.06 -9.63
N ARG B 69 -16.70 -15.12 -9.00
CA ARG B 69 -18.16 -15.21 -8.97
C ARG B 69 -18.77 -14.95 -10.34
N HIS B 70 -18.32 -13.90 -11.02
CA HIS B 70 -18.91 -13.54 -12.31
C HIS B 70 -18.58 -14.56 -13.39
N TYR B 71 -17.44 -15.23 -13.29
CA TYR B 71 -17.12 -16.26 -14.27
C TYR B 71 -17.98 -17.50 -14.07
N SER B 72 -18.21 -17.89 -12.82
CA SER B 72 -19.03 -19.06 -12.53
C SER B 72 -20.48 -18.88 -12.97
N GLN B 73 -20.89 -17.66 -13.29
CA GLN B 73 -22.25 -17.39 -13.74
C GLN B 73 -22.33 -17.05 -15.22
N LEU B 74 -21.21 -17.10 -15.94
CA LEU B 74 -21.24 -16.87 -17.38
C LEU B 74 -22.04 -17.98 -18.06
N ASP B 75 -23.09 -17.59 -18.78
CA ASP B 75 -23.86 -18.55 -19.55
C ASP B 75 -22.98 -19.19 -20.61
N ASP B 76 -23.21 -20.49 -20.86
CA ASP B 76 -22.36 -21.25 -21.77
C ASP B 76 -22.41 -20.73 -23.20
N ASN B 77 -23.31 -19.81 -23.52
CA ASN B 77 -23.36 -19.24 -24.86
C ASN B 77 -22.14 -18.36 -25.16
N ILE B 78 -21.45 -17.89 -24.13
CA ILE B 78 -20.31 -16.99 -24.31
C ILE B 78 -19.10 -17.82 -24.72
N ASN B 79 -18.65 -17.63 -25.96
CA ASN B 79 -17.45 -18.28 -26.46
C ASN B 79 -16.23 -17.37 -26.47
N SER B 80 -16.37 -16.14 -25.98
CA SER B 80 -15.27 -15.17 -25.98
C SER B 80 -15.40 -14.30 -24.73
N LEU B 81 -14.44 -14.43 -23.82
CA LEU B 81 -14.39 -13.62 -22.61
C LEU B 81 -13.11 -12.80 -22.62
N LEU B 82 -13.23 -11.50 -22.36
CA LEU B 82 -12.11 -10.58 -22.36
C LEU B 82 -11.89 -10.08 -20.94
N LEU B 83 -10.69 -10.30 -20.40
CA LEU B 83 -10.30 -9.75 -19.10
C LEU B 83 -9.40 -8.55 -19.36
N VAL B 84 -9.89 -7.36 -19.06
CA VAL B 84 -9.19 -6.11 -19.36
C VAL B 84 -8.74 -5.50 -18.03
N GLY B 85 -7.42 -5.37 -17.87
CA GLY B 85 -6.85 -4.70 -16.73
C GLY B 85 -6.50 -5.57 -15.55
N PHE B 86 -6.69 -6.89 -15.65
CA PHE B 86 -6.41 -7.79 -14.55
C PHE B 86 -6.24 -9.20 -15.07
N GLY B 87 -5.86 -10.11 -14.16
CA GLY B 87 -5.76 -11.52 -14.45
C GLY B 87 -4.42 -11.99 -14.96
N GLY B 88 -3.57 -11.09 -15.45
CA GLY B 88 -2.31 -11.51 -16.02
C GLY B 88 -1.31 -12.01 -14.99
N VAL B 89 -1.43 -11.57 -13.74
CA VAL B 89 -0.44 -11.92 -12.72
C VAL B 89 -0.84 -13.15 -11.90
N ILE B 90 -2.04 -13.68 -12.10
CA ILE B 90 -2.49 -14.87 -11.39
C ILE B 90 -2.67 -16.01 -12.38
N ASP B 91 -2.62 -17.23 -11.86
CA ASP B 91 -2.91 -18.42 -12.67
C ASP B 91 -4.42 -18.49 -12.87
N LEU B 92 -4.87 -18.03 -14.04
CA LEU B 92 -6.31 -17.92 -14.28
C LEU B 92 -6.97 -19.30 -14.35
N GLU B 93 -6.30 -20.26 -15.00
CA GLU B 93 -6.84 -21.62 -15.06
C GLU B 93 -7.06 -22.18 -13.66
N ALA B 94 -6.05 -22.05 -12.79
CA ALA B 94 -6.17 -22.56 -11.43
C ALA B 94 -7.19 -21.76 -10.63
N PHE B 95 -7.20 -20.44 -10.79
CA PHE B 95 -8.11 -19.60 -10.01
C PHE B 95 -9.56 -19.80 -10.45
N LEU B 96 -9.80 -19.80 -11.76
CA LEU B 96 -11.15 -19.99 -12.28
C LEU B 96 -11.62 -21.44 -12.18
N GLU B 97 -10.80 -22.34 -11.64
CA GLU B 97 -11.14 -23.76 -11.52
C GLU B 97 -11.51 -24.35 -12.89
N ILE B 98 -10.66 -24.07 -13.88
CA ILE B 98 -10.91 -24.48 -15.25
C ILE B 98 -10.20 -25.80 -15.52
N ASP B 99 -10.96 -26.79 -15.97
CA ASP B 99 -10.38 -28.00 -16.54
C ASP B 99 -10.35 -27.82 -18.05
N PRO B 100 -9.19 -27.74 -18.68
CA PRO B 100 -9.14 -27.49 -20.13
C PRO B 100 -9.85 -28.54 -20.97
N GLN B 101 -10.10 -29.74 -20.43
CA GLN B 101 -10.79 -30.76 -21.21
C GLN B 101 -12.29 -30.59 -21.18
N GLU B 102 -12.84 -30.02 -20.11
CA GLU B 102 -14.27 -29.73 -20.07
C GLU B 102 -14.66 -28.69 -21.11
N TYR B 103 -13.69 -27.97 -21.67
CA TYR B 103 -13.94 -26.97 -22.69
C TYR B 103 -13.52 -27.42 -24.08
N VAL B 104 -12.95 -28.61 -24.22
CA VAL B 104 -12.46 -29.10 -25.51
C VAL B 104 -13.57 -29.16 -26.55
N ILE B 105 -14.83 -29.29 -26.12
CA ILE B 105 -15.97 -29.27 -27.02
C ILE B 105 -15.99 -28.01 -27.88
N SER B 111 -11.25 -27.74 -35.07
CA SER B 111 -10.32 -27.70 -36.19
C SER B 111 -9.03 -27.00 -35.82
N GLY B 112 -7.91 -27.68 -36.01
CA GLY B 112 -6.59 -27.12 -35.78
C GLY B 112 -6.27 -26.89 -34.31
N GLU B 113 -4.97 -26.92 -33.99
CA GLU B 113 -4.47 -26.59 -32.66
C GLU B 113 -5.22 -27.35 -31.57
N GLN B 114 -5.94 -26.58 -30.76
CA GLN B 114 -6.88 -27.08 -29.76
C GLN B 114 -7.95 -26.02 -29.63
N SER B 115 -9.17 -26.37 -30.02
CA SER B 115 -10.27 -25.42 -30.07
C SER B 115 -11.23 -25.69 -28.92
N PHE B 116 -11.57 -24.63 -28.18
CA PHE B 116 -12.40 -24.70 -26.99
C PHE B 116 -13.72 -24.00 -27.22
N ARG B 117 -14.71 -24.36 -26.39
CA ARG B 117 -16.01 -23.71 -26.43
C ARG B 117 -15.97 -22.28 -25.90
N ARG B 118 -14.89 -21.88 -25.23
CA ARG B 118 -14.74 -20.52 -24.74
C ARG B 118 -13.28 -20.15 -24.82
N ASP B 119 -12.99 -18.97 -25.36
CA ASP B 119 -11.64 -18.42 -25.36
C ASP B 119 -11.60 -17.26 -24.37
N ILE B 120 -10.61 -17.26 -23.48
CA ILE B 120 -10.50 -16.25 -22.44
C ILE B 120 -9.23 -15.45 -22.74
N TYR B 121 -9.40 -14.24 -23.26
CA TYR B 121 -8.29 -13.37 -23.60
C TYR B 121 -7.99 -12.43 -22.45
N VAL B 122 -6.70 -12.13 -22.28
CA VAL B 122 -6.22 -11.30 -21.18
C VAL B 122 -5.52 -10.09 -21.78
N LEU B 123 -6.12 -8.91 -21.61
CA LEU B 123 -5.52 -7.65 -22.00
C LEU B 123 -5.13 -6.94 -20.71
N ASP B 124 -3.87 -7.07 -20.32
CA ASP B 124 -3.39 -6.59 -19.03
C ASP B 124 -1.98 -6.06 -19.18
N ALA B 125 -1.73 -4.86 -18.67
CA ALA B 125 -0.41 -4.26 -18.69
C ALA B 125 0.36 -4.47 -17.40
N HIS B 126 -0.22 -5.17 -16.43
CA HIS B 126 0.47 -5.46 -15.19
C HIS B 126 1.52 -6.55 -15.39
N ARG B 127 2.60 -6.45 -14.64
CA ARG B 127 3.70 -7.39 -14.69
C ARG B 127 4.11 -7.73 -13.26
N PRO B 128 4.77 -8.88 -13.05
CA PRO B 128 5.17 -9.89 -14.04
C PRO B 128 4.03 -10.79 -14.52
N TRP B 129 4.13 -11.27 -15.76
CA TRP B 129 3.18 -12.24 -16.26
C TRP B 129 3.21 -13.50 -15.40
N ASN B 130 2.04 -14.05 -15.11
CA ASN B 130 1.98 -15.39 -14.53
C ASN B 130 2.42 -16.40 -15.58
N LEU B 131 3.38 -17.25 -15.21
CA LEU B 131 4.00 -18.13 -16.21
C LEU B 131 3.06 -19.24 -16.67
N ASP B 132 2.02 -19.55 -15.89
CA ASP B 132 1.04 -20.54 -16.34
C ASP B 132 0.15 -19.97 -17.44
N ASN B 133 -0.25 -18.71 -17.30
CA ASN B 133 -1.04 -18.07 -18.35
C ASN B 133 -0.26 -17.99 -19.66
N ILE B 134 1.06 -17.77 -19.56
CA ILE B 134 1.87 -17.49 -20.74
C ILE B 134 2.38 -18.77 -21.39
N PHE B 135 2.86 -19.72 -20.60
CA PHE B 135 3.51 -20.92 -21.14
C PHE B 135 2.74 -22.21 -20.87
N GLY B 136 1.76 -22.21 -19.99
CA GLY B 136 1.09 -23.45 -19.63
C GLY B 136 -0.42 -23.40 -19.74
N SER B 137 -0.94 -22.77 -20.80
CA SER B 137 -2.38 -22.68 -21.00
C SER B 137 -2.67 -22.40 -22.45
N GLN B 138 -3.58 -23.17 -23.04
CA GLN B 138 -4.07 -22.90 -24.39
C GLN B 138 -5.35 -22.07 -24.40
N ILE B 139 -6.18 -22.19 -23.36
CA ILE B 139 -7.46 -21.47 -23.33
C ILE B 139 -7.28 -20.06 -22.79
N ILE B 140 -6.23 -19.81 -22.01
CA ILE B 140 -5.89 -18.47 -21.57
C ILE B 140 -4.96 -17.85 -22.59
N GLN B 141 -5.40 -16.76 -23.22
CA GLN B 141 -4.73 -16.17 -24.37
C GLN B 141 -4.43 -14.70 -24.08
N CYS B 142 -3.19 -14.41 -23.69
CA CYS B 142 -2.82 -13.07 -23.27
C CYS B 142 -2.28 -12.24 -24.44
N PHE B 143 -2.62 -10.96 -24.45
CA PHE B 143 -2.07 -10.01 -25.41
C PHE B 143 -0.77 -9.46 -24.85
N ASP B 144 0.35 -9.91 -25.39
CA ASP B 144 1.65 -9.58 -24.83
C ASP B 144 2.18 -8.25 -25.38
N ASP B 145 3.05 -7.63 -24.59
CA ASP B 145 3.72 -6.38 -24.92
C ASP B 145 5.02 -6.59 -25.67
N GLY B 146 5.42 -7.84 -25.91
CA GLY B 146 6.79 -8.15 -26.20
C GLY B 146 7.60 -8.42 -24.95
N THR B 147 6.99 -8.31 -23.77
CA THR B 147 7.68 -8.60 -22.53
C THR B 147 8.16 -10.04 -22.47
N VAL B 148 7.35 -10.98 -22.98
CA VAL B 148 7.70 -12.39 -22.91
C VAL B 148 8.90 -12.69 -23.80
N ASP B 149 8.85 -12.24 -25.06
CA ASP B 149 9.93 -12.55 -25.99
C ASP B 149 11.23 -11.86 -25.62
N ASP B 150 11.16 -10.73 -24.92
CA ASP B 150 12.34 -9.92 -24.67
C ASP B 150 12.95 -10.10 -23.28
N THR B 151 12.19 -10.62 -22.31
CA THR B 151 12.65 -10.65 -20.92
C THR B 151 12.50 -11.99 -20.21
N LEU B 152 11.60 -12.87 -20.65
CA LEU B 152 11.23 -14.06 -19.88
C LEU B 152 11.97 -15.31 -20.33
N GLY B 153 13.17 -15.15 -20.88
CA GLY B 153 13.91 -16.32 -21.36
C GLY B 153 14.33 -17.25 -20.23
N GLU B 154 14.91 -16.69 -19.17
CA GLU B 154 15.36 -17.52 -18.06
C GLU B 154 14.21 -18.15 -17.29
N GLN B 155 13.08 -17.44 -17.20
CA GLN B 155 11.92 -17.96 -16.47
C GLN B 155 11.16 -19.00 -17.28
N LYS B 156 11.10 -18.83 -18.60
CA LYS B 156 10.48 -19.83 -19.46
C LYS B 156 11.24 -21.15 -19.39
N GLU B 157 12.58 -21.09 -19.39
CA GLU B 157 13.38 -22.29 -19.24
C GLU B 157 13.14 -22.94 -17.89
N ALA B 158 13.16 -22.15 -16.81
CA ALA B 158 12.94 -22.69 -15.48
C ALA B 158 11.52 -23.23 -15.33
N TYR B 159 10.54 -22.60 -15.99
CA TYR B 159 9.17 -23.10 -15.92
C TYR B 159 9.03 -24.42 -16.66
N TYR B 160 9.54 -24.49 -17.89
CA TYR B 160 9.43 -25.70 -18.69
C TYR B 160 10.28 -26.84 -18.17
N LYS B 161 10.94 -26.66 -17.02
CA LYS B 161 11.48 -27.79 -16.27
C LYS B 161 10.36 -28.40 -15.43
N LEU B 162 9.25 -28.75 -16.10
CA LEU B 162 8.09 -29.36 -15.47
C LEU B 162 8.25 -30.87 -15.27
N LEU B 163 9.46 -31.32 -14.95
CA LEU B 163 9.71 -32.74 -14.73
C LEU B 163 8.98 -33.23 -13.49
N GLU B 164 8.57 -34.50 -13.50
CA GLU B 164 7.75 -35.01 -12.42
C GLU B 164 8.35 -36.28 -11.82
N LEU B 165 9.08 -37.02 -12.66
CA LEU B 165 9.76 -38.28 -12.32
C LEU B 165 9.13 -39.08 -11.18
N LYS B 228 18.30 -37.74 -6.97
CA LYS B 228 19.75 -37.73 -7.17
C LYS B 228 20.27 -36.31 -7.34
N GLN B 229 20.25 -35.82 -8.57
CA GLN B 229 20.66 -34.45 -8.85
C GLN B 229 19.51 -33.48 -8.60
N ILE B 230 19.87 -32.21 -8.46
CA ILE B 230 18.97 -31.20 -7.94
C ILE B 230 18.70 -30.14 -9.00
N HIS B 231 17.66 -29.34 -8.77
CA HIS B 231 17.21 -28.31 -9.71
C HIS B 231 16.83 -27.07 -8.91
N GLU B 232 17.60 -26.00 -9.06
CA GLU B 232 17.29 -24.74 -8.38
C GLU B 232 16.65 -23.75 -9.33
N TYR B 233 15.83 -24.26 -10.26
CA TYR B 233 14.92 -23.41 -11.00
C TYR B 233 13.81 -22.88 -10.10
N GLU B 234 13.57 -23.53 -8.97
CA GLU B 234 12.64 -23.00 -7.97
C GLU B 234 13.09 -21.62 -7.50
N GLY B 235 14.40 -21.45 -7.25
CA GLY B 235 14.90 -20.15 -6.86
C GLY B 235 14.77 -19.11 -7.95
N VAL B 236 14.82 -19.53 -9.21
CA VAL B 236 14.63 -18.60 -10.32
C VAL B 236 13.21 -18.05 -10.30
N LEU B 237 12.22 -18.94 -10.19
CA LEU B 237 10.82 -18.51 -10.15
C LEU B 237 10.48 -17.80 -8.86
N GLU B 238 11.22 -18.05 -7.78
CA GLU B 238 10.97 -17.33 -6.53
C GLU B 238 11.35 -15.86 -6.67
N GLU B 239 12.53 -15.58 -7.24
CA GLU B 239 12.92 -14.20 -7.49
C GLU B 239 11.98 -13.54 -8.49
N TYR B 240 11.49 -14.30 -9.48
CA TYR B 240 10.59 -13.74 -10.47
C TYR B 240 9.27 -13.30 -9.84
N TYR B 241 8.70 -14.13 -8.96
CA TYR B 241 7.42 -13.84 -8.34
C TYR B 241 7.54 -13.00 -7.07
N SER B 242 8.76 -12.69 -6.63
CA SER B 242 8.97 -11.78 -5.51
C SER B 242 9.07 -10.32 -5.95
N GLN B 243 9.15 -10.07 -7.25
CA GLN B 243 9.03 -8.71 -7.75
C GLN B 243 7.65 -8.15 -7.43
N GLY B 244 7.60 -6.86 -7.14
CA GLY B 244 6.32 -6.21 -6.96
C GLY B 244 5.57 -6.06 -8.26
N THR B 245 4.26 -5.92 -8.15
CA THR B 245 3.45 -5.69 -9.34
C THR B 245 3.64 -4.27 -9.84
N THR B 246 3.95 -4.13 -11.13
CA THR B 246 4.06 -2.83 -11.78
C THR B 246 3.27 -2.86 -13.08
N VAL B 247 3.11 -1.68 -13.68
CA VAL B 247 2.46 -1.52 -14.97
C VAL B 247 3.51 -1.02 -15.95
N VAL B 248 3.57 -1.66 -17.13
CA VAL B 248 4.62 -1.40 -18.11
C VAL B 248 4.08 -0.90 -19.44
N ASN B 249 2.78 -0.68 -19.56
CA ASN B 249 2.20 -0.25 -20.83
C ASN B 249 0.81 0.32 -20.57
N SER B 250 0.15 0.74 -21.64
CA SER B 250 -1.23 1.19 -21.63
C SER B 250 -2.05 0.22 -22.47
N ILE B 251 -3.15 -0.28 -21.89
CA ILE B 251 -4.02 -1.19 -22.64
C ILE B 251 -4.69 -0.44 -23.78
N SER B 252 -5.07 0.82 -23.55
CA SER B 252 -5.70 1.61 -24.60
C SER B 252 -4.72 1.87 -25.75
N ALA B 253 -3.44 2.08 -25.44
CA ALA B 253 -2.44 2.23 -26.48
C ALA B 253 -2.30 0.95 -27.30
N GLN B 254 -2.44 -0.21 -26.64
CA GLN B 254 -2.41 -1.47 -27.37
C GLN B 254 -3.65 -1.64 -28.23
N ILE B 255 -4.83 -1.24 -27.72
CA ILE B 255 -6.05 -1.31 -28.52
C ILE B 255 -5.94 -0.38 -29.72
N TYR B 256 -5.37 0.81 -29.53
CA TYR B 256 -5.20 1.73 -30.64
C TYR B 256 -4.24 1.19 -31.69
N SER B 257 -3.26 0.37 -31.27
CA SER B 257 -2.40 -0.28 -32.25
C SER B 257 -3.18 -1.32 -33.05
N LEU B 258 -4.18 -1.95 -32.45
CA LEU B 258 -5.05 -2.87 -33.18
C LEU B 258 -5.94 -2.10 -34.15
N LEU B 259 -6.47 -0.95 -33.72
CA LEU B 259 -7.31 -0.15 -34.60
C LEU B 259 -6.53 0.41 -35.79
N SER B 260 -5.25 0.71 -35.58
CA SER B 260 -4.43 1.19 -36.69
C SER B 260 -4.08 0.08 -37.67
N ALA B 261 -3.90 -1.14 -37.17
CA ALA B 261 -3.61 -2.27 -38.06
C ALA B 261 -4.82 -2.65 -38.90
N ILE B 262 -6.03 -2.43 -38.38
CA ILE B 262 -7.25 -2.77 -39.11
C ILE B 262 -7.93 -1.53 -39.68
N GLY B 263 -7.28 -0.37 -39.60
CA GLY B 263 -7.79 0.84 -40.22
C GLY B 263 -9.08 1.36 -39.63
N GLU B 264 -9.15 1.49 -38.31
CA GLU B 264 -10.34 1.96 -37.60
C GLU B 264 -9.97 3.02 -36.58
N THR B 265 -9.14 3.98 -36.97
CA THR B 265 -8.67 5.02 -36.08
C THR B 265 -9.38 6.33 -36.40
N ASN B 266 -10.52 6.54 -35.75
CA ASN B 266 -11.16 7.85 -35.75
C ASN B 266 -10.63 8.68 -34.60
N LEU B 267 -10.97 9.98 -34.62
CA LEU B 267 -10.44 10.87 -33.60
C LEU B 267 -10.96 10.52 -32.21
N SER B 268 -12.14 9.91 -32.11
CA SER B 268 -12.65 9.50 -30.81
C SER B 268 -11.82 8.36 -30.23
N ASN B 269 -11.33 7.46 -31.08
CA ASN B 269 -10.47 6.38 -30.60
C ASN B 269 -9.14 6.92 -30.10
N LEU B 270 -8.57 7.90 -30.81
CA LEU B 270 -7.31 8.50 -30.37
C LEU B 270 -7.48 9.24 -29.05
N TRP B 271 -8.62 9.89 -28.86
CA TRP B 271 -8.87 10.58 -27.59
C TRP B 271 -8.97 9.57 -26.45
N LEU B 272 -9.67 8.46 -26.67
CA LEU B 272 -9.72 7.41 -25.66
C LEU B 272 -8.36 6.77 -25.45
N ASN B 273 -7.55 6.70 -26.51
CA ASN B 273 -6.16 6.25 -26.35
C ASN B 273 -5.36 7.21 -25.50
N ILE B 274 -5.55 8.51 -25.71
CA ILE B 274 -4.82 9.51 -24.93
C ILE B 274 -5.27 9.46 -23.47
N LEU B 275 -6.57 9.26 -23.23
CA LEU B 275 -7.08 9.24 -21.86
C LEU B 275 -6.50 8.08 -21.07
N GLY B 276 -6.53 6.87 -21.64
CA GLY B 276 -5.99 5.72 -20.94
C GLY B 276 -4.50 5.84 -20.67
N THR B 277 -3.76 6.39 -21.64
CA THR B 277 -2.32 6.57 -21.46
C THR B 277 -2.02 7.66 -20.44
N THR B 278 -2.76 8.78 -20.51
CA THR B 278 -2.55 9.87 -19.56
C THR B 278 -2.81 9.42 -18.13
N SER B 279 -3.74 8.48 -17.94
CA SER B 279 -4.02 7.96 -16.61
C SER B 279 -2.88 7.14 -16.04
N LEU B 280 -1.84 6.85 -16.83
CA LEU B 280 -0.66 6.19 -16.29
C LEU B 280 0.33 7.15 -15.67
N ASP B 281 0.18 8.45 -15.92
CA ASP B 281 1.14 9.43 -15.42
C ASP B 281 1.07 9.61 -13.91
N ILE B 282 -0.04 9.20 -13.28
CA ILE B 282 -0.20 9.42 -11.84
C ILE B 282 0.61 8.44 -11.01
N ALA B 283 0.93 7.27 -11.54
CA ALA B 283 1.64 6.24 -10.79
C ALA B 283 2.78 5.58 -11.54
N TYR B 284 2.82 5.68 -12.87
CA TYR B 284 3.90 5.12 -13.68
C TYR B 284 4.27 6.18 -14.72
N ALA B 285 4.90 7.26 -14.25
CA ALA B 285 5.17 8.42 -15.10
C ALA B 285 6.08 8.06 -16.26
N GLN B 286 7.06 7.18 -16.03
CA GLN B 286 8.00 6.83 -17.08
C GLN B 286 7.40 5.90 -18.13
N VAL B 287 6.25 5.27 -17.82
CA VAL B 287 5.50 4.58 -18.86
C VAL B 287 4.78 5.60 -19.74
N TYR B 288 4.21 6.63 -19.12
CA TYR B 288 3.55 7.69 -19.90
C TYR B 288 4.56 8.47 -20.74
N ASN B 289 5.73 8.78 -20.17
CA ASN B 289 6.75 9.48 -20.92
C ASN B 289 7.23 8.66 -22.11
N ARG B 290 7.15 7.32 -22.01
CA ARG B 290 7.59 6.47 -23.11
C ARG B 290 6.57 6.41 -24.23
N LEU B 291 5.29 6.39 -23.89
CA LEU B 291 4.22 6.34 -24.88
C LEU B 291 3.82 7.71 -25.41
N TYR B 292 4.35 8.79 -24.82
CA TYR B 292 3.94 10.13 -25.22
C TYR B 292 4.33 10.49 -26.65
N PRO B 293 5.53 10.19 -27.17
CA PRO B 293 5.85 10.61 -28.54
C PRO B 293 4.91 10.04 -29.59
N LEU B 294 4.51 8.78 -29.46
CA LEU B 294 3.57 8.22 -30.43
C LEU B 294 2.19 8.85 -30.32
N LEU B 295 1.80 9.27 -29.12
CA LEU B 295 0.54 9.99 -28.95
C LEU B 295 0.58 11.32 -29.70
N GLN B 296 1.63 12.11 -29.48
CA GLN B 296 1.77 13.37 -30.18
C GLN B 296 1.95 13.15 -31.68
N ASP B 297 2.53 12.01 -32.08
CA ASP B 297 2.68 11.71 -33.49
C ASP B 297 1.32 11.53 -34.16
N GLU B 298 0.41 10.82 -33.49
CA GLU B 298 -0.93 10.64 -34.05
C GLU B 298 -1.68 11.97 -34.13
N VAL B 299 -1.67 12.73 -33.04
CA VAL B 299 -2.34 14.04 -33.04
C VAL B 299 -1.74 14.95 -34.09
N LYS B 300 -0.41 14.91 -34.25
CA LYS B 300 0.23 15.70 -35.29
C LYS B 300 -0.18 15.23 -36.68
N ARG B 301 -0.39 13.93 -36.85
CA ARG B 301 -0.71 13.39 -38.17
C ARG B 301 -2.07 13.85 -38.66
N LEU B 302 -3.10 13.65 -37.84
CA LEU B 302 -4.47 14.03 -38.20
C LEU B 302 -4.54 15.55 -38.26
N THR B 303 -4.54 16.10 -39.47
CA THR B 303 -4.52 17.55 -39.68
C THR B 303 -5.61 17.98 -40.68
N PRO B 304 -6.88 17.67 -40.38
CA PRO B 304 -7.95 18.10 -41.30
C PRO B 304 -8.27 19.58 -41.14
N SER B 305 -7.61 20.42 -41.92
CA SER B 305 -7.83 21.86 -41.86
C SER B 305 -8.60 22.34 -43.09
N LYS B 311 -17.17 22.14 -40.22
CA LYS B 311 -17.43 22.02 -38.78
C LYS B 311 -18.62 21.13 -38.46
N THR B 312 -19.07 21.29 -37.22
CA THR B 312 -20.22 20.67 -36.57
C THR B 312 -20.13 21.07 -35.11
N PRO B 313 -21.26 21.27 -34.42
CA PRO B 313 -21.22 21.36 -32.95
C PRO B 313 -20.79 20.06 -32.30
N ASP B 314 -20.49 19.05 -33.13
CA ASP B 314 -19.92 17.78 -32.68
C ASP B 314 -18.55 17.52 -33.28
N THR B 315 -17.96 18.50 -33.99
CA THR B 315 -16.60 18.32 -34.48
C THR B 315 -15.65 18.16 -33.32
N LEU B 316 -14.87 17.07 -33.35
CA LEU B 316 -13.86 16.79 -32.35
C LEU B 316 -12.50 17.15 -32.91
N THR B 317 -11.86 18.16 -32.31
CA THR B 317 -10.51 18.55 -32.70
C THR B 317 -9.57 18.41 -31.51
N LEU B 318 -8.44 17.75 -31.74
CA LEU B 318 -7.39 17.60 -30.74
C LEU B 318 -6.26 18.57 -31.05
N ASN B 319 -5.57 19.01 -30.01
CA ASN B 319 -4.47 19.95 -30.17
C ASN B 319 -3.49 19.79 -29.03
N ILE B 320 -2.20 19.89 -29.35
CA ILE B 320 -1.13 19.83 -28.36
C ILE B 320 -0.89 21.24 -27.83
N GLN B 321 -1.13 21.44 -26.54
CA GLN B 321 -0.95 22.71 -25.88
C GLN B 321 -0.27 22.49 -24.55
N PRO B 322 0.30 23.54 -23.95
CA PRO B 322 0.82 23.40 -22.58
C PRO B 322 -0.29 23.01 -21.61
N ASP B 323 -0.08 21.88 -20.94
CA ASP B 323 -1.03 21.34 -19.95
C ASP B 323 -0.22 21.15 -18.67
N TYR B 324 -0.19 22.18 -17.85
CA TYR B 324 0.74 22.23 -16.72
C TYR B 324 0.39 21.20 -15.66
N TYR B 325 1.43 20.75 -14.95
CA TYR B 325 1.29 19.72 -13.91
C TYR B 325 0.85 20.37 -12.59
N LEU B 326 -0.28 21.06 -12.65
CA LEU B 326 -0.93 21.64 -11.48
C LEU B 326 -2.34 21.09 -11.38
N PHE B 327 -2.95 21.26 -10.21
CA PHE B 327 -4.23 20.62 -9.94
C PHE B 327 -5.37 21.47 -10.50
N LEU B 328 -5.85 21.09 -11.68
CA LEU B 328 -7.05 21.69 -12.30
C LEU B 328 -6.93 23.21 -12.36
N LEU B 329 -5.84 23.68 -12.97
CA LEU B 329 -5.57 25.11 -13.01
C LEU B 329 -6.69 25.87 -13.72
N ARG B 330 -7.12 25.38 -14.88
CA ARG B 330 -8.10 26.08 -15.69
C ARG B 330 -9.52 25.97 -15.14
N HIS B 331 -9.74 25.20 -14.07
CA HIS B 331 -11.06 25.06 -13.46
C HIS B 331 -11.11 25.61 -12.04
N SER B 332 -10.05 26.30 -11.59
CA SER B 332 -10.05 26.94 -10.29
C SER B 332 -9.29 28.26 -10.33
N SER B 333 -8.08 28.28 -9.76
CA SER B 333 -7.28 29.50 -9.75
C SER B 333 -5.81 29.11 -9.85
N LEU B 334 -4.99 30.08 -10.27
CA LEU B 334 -3.55 29.85 -10.32
C LEU B 334 -2.99 29.55 -8.95
N TYR B 335 -3.54 30.20 -7.92
CA TYR B 335 -3.08 29.96 -6.55
C TYR B 335 -3.47 28.56 -6.08
N ASP B 336 -4.74 28.19 -6.28
CA ASP B 336 -5.20 26.89 -5.83
C ASP B 336 -4.61 25.76 -6.66
N SER B 337 -4.27 26.02 -7.92
CA SER B 337 -3.61 25.01 -8.73
C SER B 337 -2.26 24.62 -8.15
N PHE B 338 -1.56 25.57 -7.53
CA PHE B 338 -0.34 25.23 -6.79
C PHE B 338 -0.68 24.68 -5.41
N TYR B 339 -1.46 25.43 -4.63
CA TYR B 339 -1.69 25.09 -3.23
C TYR B 339 -2.20 23.66 -3.04
N TYR B 340 -2.96 23.15 -4.02
CA TYR B 340 -3.54 21.81 -3.92
C TYR B 340 -2.82 20.80 -4.81
N SER B 341 -1.65 21.15 -5.34
CA SER B 341 -0.84 20.21 -6.09
C SER B 341 -0.07 19.32 -5.13
N ASN B 342 -0.17 18.00 -5.32
CA ASN B 342 0.65 17.08 -4.54
C ASN B 342 2.11 17.21 -4.90
N TYR B 343 2.41 17.65 -6.12
CA TYR B 343 3.80 17.80 -6.55
C TYR B 343 4.48 18.96 -5.83
N VAL B 344 3.88 20.15 -5.88
CA VAL B 344 4.49 21.31 -5.25
C VAL B 344 4.41 21.23 -3.74
N ASN B 345 3.44 20.49 -3.20
CA ASN B 345 3.42 20.26 -1.75
C ASN B 345 4.55 19.36 -1.32
N ALA B 346 5.04 18.49 -2.21
CA ALA B 346 6.20 17.68 -1.88
C ALA B 346 7.48 18.51 -1.94
N LYS B 347 7.55 19.45 -2.87
CA LYS B 347 8.76 20.26 -3.04
C LYS B 347 8.78 21.48 -2.12
N LEU B 348 7.62 21.96 -1.67
CA LEU B 348 7.57 23.14 -0.80
C LEU B 348 7.06 22.84 0.60
N SER B 349 6.38 21.71 0.81
CA SER B 349 5.80 21.35 2.11
C SER B 349 4.83 22.44 2.60
N LEU B 350 3.72 22.55 1.86
CA LEU B 350 2.70 23.54 2.16
C LEU B 350 1.88 23.20 3.40
N TRP B 351 2.03 21.98 3.95
CA TRP B 351 1.22 21.59 5.09
C TRP B 351 1.58 22.36 6.35
N ASN B 352 2.84 22.79 6.47
CA ASN B 352 3.25 23.62 7.59
C ASN B 352 3.06 25.09 7.19
N GLU B 353 3.74 26.01 7.88
CA GLU B 353 3.61 27.43 7.58
C GLU B 353 4.80 28.01 6.84
N ASN B 354 6.02 27.55 7.14
CA ASN B 354 7.18 28.01 6.38
C ASN B 354 7.03 27.68 4.90
N GLY B 355 6.35 26.58 4.57
CA GLY B 355 6.20 26.20 3.18
C GLY B 355 5.26 27.09 2.40
N LYS B 356 4.16 27.49 3.02
CA LYS B 356 3.20 28.35 2.34
C LYS B 356 3.80 29.74 2.08
N LYS B 357 4.62 30.24 3.01
CA LYS B 357 5.29 31.52 2.78
C LYS B 357 6.14 31.48 1.52
N ARG B 358 6.77 30.33 1.25
CA ARG B 358 7.64 30.21 0.08
C ARG B 358 6.83 30.14 -1.21
N LEU B 359 5.62 29.59 -1.16
CA LEU B 359 4.73 29.68 -2.31
C LEU B 359 4.39 31.14 -2.62
N HIS B 360 4.22 31.96 -1.57
CA HIS B 360 4.00 33.38 -1.76
C HIS B 360 5.27 34.10 -2.16
N LYS B 361 6.43 33.66 -1.66
CA LYS B 361 7.69 34.16 -2.19
C LYS B 361 7.85 33.80 -3.66
N MET B 362 7.34 32.65 -4.06
CA MET B 362 7.41 32.24 -5.47
C MET B 362 6.57 33.16 -6.35
N PHE B 363 5.31 33.38 -5.97
CA PHE B 363 4.45 34.26 -6.75
C PHE B 363 4.99 35.69 -6.75
N ALA B 364 5.57 36.13 -5.63
CA ALA B 364 6.15 37.47 -5.58
C ALA B 364 7.33 37.59 -6.54
N ARG B 365 8.21 36.59 -6.56
CA ARG B 365 9.31 36.58 -7.51
C ARG B 365 8.83 36.45 -8.96
N MET B 366 7.63 35.89 -9.16
CA MET B 366 7.06 35.78 -10.50
C MET B 366 6.44 37.09 -10.99
N GLY B 367 6.36 38.11 -10.13
CA GLY B 367 5.64 39.31 -10.47
C GLY B 367 4.14 39.17 -10.50
N ILE B 368 3.61 38.02 -10.10
CA ILE B 368 2.17 37.79 -10.07
C ILE B 368 1.67 38.12 -8.66
N PRO B 369 0.85 39.15 -8.49
CA PRO B 369 0.31 39.44 -7.16
C PRO B 369 -0.62 38.34 -6.70
N LEU B 370 -0.71 38.17 -5.37
CA LEU B 370 -1.50 37.09 -4.81
C LEU B 370 -2.98 37.24 -5.15
N SER B 371 -3.51 38.46 -5.07
CA SER B 371 -4.93 38.68 -5.36
C SER B 371 -5.26 38.34 -6.81
N THR B 372 -4.29 38.48 -7.72
CA THR B 372 -4.51 38.06 -9.10
C THR B 372 -4.38 36.55 -9.26
N ALA B 373 -3.41 35.95 -8.57
CA ALA B 373 -3.26 34.49 -8.62
C ALA B 373 -4.45 33.78 -7.98
N GLN B 374 -5.10 34.41 -7.01
CA GLN B 374 -6.24 33.81 -6.33
C GLN B 374 -7.57 34.10 -7.02
N GLU B 375 -7.57 34.95 -8.05
CA GLU B 375 -8.75 35.10 -8.88
C GLU B 375 -9.04 33.82 -9.64
N THR B 376 -10.31 33.56 -9.90
CA THR B 376 -10.69 32.40 -10.70
C THR B 376 -10.05 32.48 -12.08
N TRP B 377 -9.76 31.32 -12.66
CA TRP B 377 -9.08 31.27 -13.94
C TRP B 377 -9.81 32.06 -15.02
N LEU B 378 -11.14 32.09 -14.97
CA LEU B 378 -11.90 32.87 -15.93
C LEU B 378 -11.66 34.36 -15.74
N TYR B 379 -11.87 34.86 -14.52
CA TYR B 379 -11.76 36.30 -14.26
C TYR B 379 -10.33 36.81 -14.34
N MET B 380 -9.34 35.92 -14.18
CA MET B 380 -7.95 36.37 -14.19
C MET B 380 -7.59 37.00 -15.54
N ASP B 381 -6.74 38.01 -15.49
CA ASP B 381 -6.38 38.76 -16.69
C ASP B 381 -5.66 37.86 -17.68
N HIS B 382 -6.01 38.01 -18.96
CA HIS B 382 -5.32 37.25 -20.00
C HIS B 382 -3.87 37.68 -20.13
N SER B 383 -3.55 38.93 -19.79
CA SER B 383 -2.17 39.40 -19.83
C SER B 383 -1.23 38.49 -19.05
N ILE B 384 -1.68 38.04 -17.86
CA ILE B 384 -0.87 37.13 -17.06
C ILE B 384 -0.86 35.74 -17.71
N LYS B 385 -2.00 35.29 -18.22
CA LYS B 385 -2.09 33.95 -18.78
C LYS B 385 -1.18 33.76 -19.98
N ARG B 386 -0.98 34.81 -20.79
CA ARG B 386 -0.10 34.73 -21.94
C ARG B 386 1.37 34.84 -21.56
N GLU B 387 1.67 35.34 -20.35
CA GLU B 387 3.02 35.35 -19.82
C GLU B 387 3.28 34.21 -18.86
N LEU B 388 2.26 33.41 -18.53
CA LEU B 388 2.45 32.30 -17.59
C LEU B 388 3.53 31.35 -18.08
N GLY B 389 3.61 31.13 -19.39
CA GLY B 389 4.62 30.27 -19.97
C GLY B 389 6.02 30.69 -19.64
N ILE B 390 6.40 31.90 -20.06
CA ILE B 390 7.76 32.37 -19.84
C ILE B 390 8.03 32.59 -18.35
N ILE B 391 7.02 33.03 -17.60
CA ILE B 391 7.18 33.20 -16.16
C ILE B 391 7.55 31.86 -15.51
N PHE B 392 6.90 30.78 -15.93
CA PHE B 392 7.21 29.46 -15.39
C PHE B 392 8.62 29.04 -15.75
N ASP B 393 9.08 29.40 -16.96
CA ASP B 393 10.39 28.94 -17.42
C ASP B 393 11.55 29.62 -16.70
N LYS B 394 11.32 30.78 -16.10
CA LYS B 394 12.40 31.50 -15.42
C LYS B 394 12.36 31.39 -13.91
N ASN B 395 11.21 31.02 -13.32
CA ASN B 395 11.06 31.03 -11.87
C ASN B 395 10.94 29.66 -11.22
N LEU B 396 10.50 28.64 -11.97
CA LEU B 396 10.10 27.39 -11.33
C LEU B 396 11.30 26.56 -10.91
N ASP B 397 12.28 26.39 -11.79
CA ASP B 397 13.41 25.51 -11.47
C ASP B 397 14.21 26.00 -10.28
N ARG B 398 14.10 27.29 -9.93
CA ARG B 398 14.71 27.78 -8.70
C ARG B 398 14.13 27.08 -7.48
N TYR B 399 12.84 26.77 -7.53
CA TYR B 399 12.16 26.06 -6.46
C TYR B 399 12.05 24.56 -6.73
N GLY B 400 12.75 24.06 -7.74
CA GLY B 400 12.73 22.64 -8.05
C GLY B 400 11.41 22.12 -8.56
N LEU B 401 10.64 22.96 -9.26
CA LEU B 401 9.32 22.60 -9.75
C LEU B 401 9.24 22.66 -11.28
N GLN B 402 10.34 22.26 -11.93
CA GLN B 402 10.39 22.33 -13.40
C GLN B 402 9.36 21.42 -14.05
N ASP B 403 8.98 20.34 -13.37
CA ASP B 403 8.05 19.37 -13.94
C ASP B 403 6.64 19.92 -14.14
N ILE B 404 6.36 21.13 -13.64
CA ILE B 404 5.06 21.75 -13.91
C ILE B 404 4.92 22.07 -15.39
N ILE B 405 6.00 22.57 -16.00
CA ILE B 405 5.99 22.84 -17.43
C ILE B 405 5.86 21.52 -18.19
N ARG B 406 4.76 21.38 -18.93
CA ARG B 406 4.46 20.12 -19.60
C ARG B 406 3.44 20.38 -20.71
N ASP B 407 3.67 19.77 -21.86
CA ASP B 407 2.72 19.82 -22.97
C ASP B 407 1.77 18.64 -22.89
N GLY B 408 0.49 18.90 -23.18
CA GLY B 408 -0.51 17.86 -23.10
C GLY B 408 -1.43 17.80 -24.30
N PHE B 409 -2.60 17.19 -24.13
CA PHE B 409 -3.57 17.02 -25.21
C PHE B 409 -4.90 17.62 -24.79
N VAL B 410 -5.50 18.38 -25.69
CA VAL B 410 -6.70 19.15 -25.41
C VAL B 410 -7.76 18.81 -26.46
N ARG B 411 -8.96 18.48 -26.00
CA ARG B 411 -10.08 18.12 -26.87
C ARG B 411 -11.15 19.21 -26.79
N THR B 412 -11.67 19.60 -27.96
CA THR B 412 -12.75 20.57 -28.04
C THR B 412 -13.89 19.99 -28.85
N LEU B 413 -15.09 20.05 -28.30
CA LEU B 413 -16.29 19.54 -28.97
C LEU B 413 -17.05 20.74 -29.53
N GLY B 414 -17.01 20.90 -30.86
CA GLY B 414 -17.66 22.02 -31.51
C GLY B 414 -17.05 23.35 -31.14
N TYR B 415 -17.76 24.16 -30.36
CA TYR B 415 -17.28 25.47 -29.95
C TYR B 415 -17.43 25.69 -28.45
N ARG B 416 -17.46 24.62 -27.66
CA ARG B 416 -17.49 24.73 -26.21
C ARG B 416 -16.07 24.87 -25.66
N GLY B 417 -15.98 25.07 -24.34
CA GLY B 417 -14.68 25.19 -23.71
C GLY B 417 -13.90 23.89 -23.82
N SER B 418 -12.58 24.03 -23.99
CA SER B 418 -11.72 22.87 -24.17
C SER B 418 -11.46 22.16 -22.86
N ILE B 419 -11.15 20.87 -22.95
CA ILE B 419 -10.85 20.04 -21.80
C ILE B 419 -9.49 19.38 -22.02
N SER B 420 -8.71 19.27 -20.95
CA SER B 420 -7.42 18.60 -21.01
C SER B 420 -7.59 17.11 -20.74
N ALA B 421 -6.60 16.33 -21.20
CA ALA B 421 -6.60 14.91 -20.90
C ALA B 421 -6.29 14.65 -19.43
N SER B 422 -5.35 15.41 -18.86
CA SER B 422 -5.07 15.30 -17.44
C SER B 422 -6.26 15.79 -16.61
N GLU B 423 -6.94 16.83 -17.09
CA GLU B 423 -8.16 17.29 -16.42
C GLU B 423 -9.28 16.26 -16.56
N PHE B 424 -9.36 15.62 -17.73
CA PHE B 424 -10.33 14.56 -17.94
C PHE B 424 -10.06 13.39 -16.99
N VAL B 425 -8.79 13.08 -16.77
CA VAL B 425 -8.44 11.97 -15.87
C VAL B 425 -8.82 12.30 -14.43
N GLU B 426 -8.69 13.57 -14.04
CA GLU B 426 -9.07 13.96 -12.68
C GLU B 426 -10.56 13.77 -12.45
N ALA B 427 -11.38 14.08 -13.46
CA ALA B 427 -12.82 13.95 -13.31
C ALA B 427 -13.25 12.49 -13.27
N LEU B 428 -12.63 11.65 -14.11
CA LEU B 428 -12.97 10.23 -14.10
C LEU B 428 -12.57 9.57 -12.78
N THR B 429 -11.48 10.03 -12.17
CA THR B 429 -11.07 9.48 -10.88
C THR B 429 -12.04 9.87 -9.78
N ALA B 430 -12.54 11.10 -9.81
CA ALA B 430 -13.52 11.52 -8.81
C ALA B 430 -14.84 10.79 -9.01
N LEU B 431 -15.26 10.60 -10.25
CA LEU B 431 -16.49 9.85 -10.51
C LEU B 431 -16.35 8.40 -10.08
N LEU B 432 -15.19 7.80 -10.29
CA LEU B 432 -14.99 6.40 -9.92
C LEU B 432 -14.95 6.20 -8.41
N GLU B 433 -14.65 7.25 -7.64
CA GLU B 433 -14.49 7.13 -6.20
C GLU B 433 -15.66 7.68 -5.41
N VAL B 434 -16.25 8.80 -5.83
CA VAL B 434 -17.37 9.41 -5.11
C VAL B 434 -18.46 9.84 -6.08
N GLY B 435 -18.77 8.99 -7.05
CA GLY B 435 -19.70 9.39 -8.10
C GLY B 435 -21.06 9.78 -7.58
N ASN B 436 -21.61 9.00 -6.65
CA ASN B 436 -22.93 9.27 -6.09
C ASN B 436 -22.77 10.09 -4.80
N SER B 437 -22.61 11.40 -4.99
CA SER B 437 -22.44 12.31 -3.87
C SER B 437 -23.40 13.50 -3.99
N ASN B 461 -26.27 -3.96 10.27
CA ASN B 461 -26.05 -5.16 9.49
C ASN B 461 -24.84 -5.03 8.58
N SER B 462 -23.64 -5.18 9.13
CA SER B 462 -22.45 -5.13 8.30
C SER B 462 -22.32 -6.37 7.42
N ALA B 463 -23.08 -7.42 7.73
CA ALA B 463 -23.33 -8.46 6.74
C ALA B 463 -24.01 -7.83 5.54
N GLN B 464 -23.59 -8.24 4.34
CA GLN B 464 -24.04 -7.69 3.06
C GLN B 464 -24.06 -6.15 3.01
N LYS B 465 -23.51 -5.47 4.01
CA LYS B 465 -23.24 -4.04 3.83
C LYS B 465 -22.21 -3.84 2.75
N LEU B 466 -21.40 -4.86 2.47
CA LEU B 466 -20.54 -4.87 1.29
C LEU B 466 -21.35 -4.74 0.01
N THR B 467 -22.58 -5.23 -0.01
CA THR B 467 -23.42 -5.07 -1.19
C THR B 467 -23.70 -3.60 -1.47
N ASN B 468 -23.95 -2.81 -0.43
CA ASN B 468 -24.11 -1.37 -0.61
C ASN B 468 -22.85 -0.76 -1.21
N LEU B 469 -21.68 -1.29 -0.88
CA LEU B 469 -20.44 -0.85 -1.51
C LEU B 469 -20.36 -1.35 -2.94
N ARG B 470 -20.74 -2.61 -3.18
CA ARG B 470 -20.69 -3.17 -4.52
C ARG B 470 -21.59 -2.39 -5.48
N LYS B 471 -22.84 -2.17 -5.09
CA LYS B 471 -23.76 -1.45 -5.97
C LYS B 471 -23.34 0.00 -6.16
N ARG B 472 -22.73 0.61 -5.13
CA ARG B 472 -22.21 1.96 -5.30
C ARG B 472 -21.01 1.99 -6.23
N TRP B 473 -20.20 0.93 -6.24
CA TRP B 473 -19.00 0.91 -7.06
C TRP B 473 -19.33 0.67 -8.53
N VAL B 474 -20.28 -0.22 -8.82
CA VAL B 474 -20.63 -0.50 -10.21
C VAL B 474 -21.37 0.68 -10.83
N SER B 475 -22.13 1.42 -10.03
CA SER B 475 -22.77 2.63 -10.55
C SER B 475 -21.76 3.77 -10.68
N ASN B 476 -20.72 3.77 -9.85
CA ASN B 476 -19.60 4.68 -10.09
C ASN B 476 -18.90 4.35 -11.39
N PHE B 477 -18.85 3.06 -11.75
CA PHE B 477 -18.26 2.65 -13.01
C PHE B 477 -19.09 3.14 -14.19
N TRP B 478 -20.41 2.94 -14.11
CA TRP B 478 -21.28 3.32 -15.24
C TRP B 478 -21.34 4.82 -15.40
N LEU B 479 -21.19 5.58 -14.32
CA LEU B 479 -21.08 7.03 -14.44
C LEU B 479 -19.82 7.41 -15.22
N SER B 480 -18.68 6.78 -14.86
CA SER B 480 -17.45 7.02 -15.60
C SER B 480 -17.55 6.48 -17.02
N TRP B 481 -18.28 5.39 -17.22
CA TRP B 481 -18.51 4.88 -18.58
C TRP B 481 -19.37 5.84 -19.38
N ASP B 482 -20.40 6.42 -18.76
CA ASP B 482 -21.23 7.39 -19.45
C ASP B 482 -20.49 8.70 -19.72
N ALA B 483 -19.55 9.05 -18.84
CA ALA B 483 -18.77 10.27 -19.05
C ALA B 483 -17.90 10.19 -20.29
N LEU B 484 -17.67 8.98 -20.83
CA LEU B 484 -16.92 8.81 -22.06
C LEU B 484 -17.75 9.11 -23.29
N ASP B 485 -19.04 9.39 -23.14
CA ASP B 485 -19.87 9.86 -24.23
C ASP B 485 -19.69 11.37 -24.38
N ASP B 486 -19.33 11.82 -25.59
CA ASP B 486 -19.02 13.22 -25.79
C ASP B 486 -20.21 14.13 -25.52
N ARG B 487 -21.43 13.62 -25.71
CA ARG B 487 -22.63 14.42 -25.49
C ARG B 487 -23.00 14.55 -24.03
N LYS B 488 -22.29 13.87 -23.12
CA LYS B 488 -22.60 13.94 -21.70
C LYS B 488 -21.57 14.82 -20.99
N VAL B 489 -21.60 16.11 -21.34
CA VAL B 489 -20.67 17.06 -20.77
C VAL B 489 -21.03 17.40 -19.33
N GLU B 490 -22.28 17.17 -18.92
CA GLU B 490 -22.67 17.47 -17.55
C GLU B 490 -22.00 16.54 -16.56
N LEU B 491 -21.80 15.27 -16.93
CA LEU B 491 -21.12 14.33 -16.04
C LEU B 491 -19.65 14.70 -15.89
N LEU B 492 -18.99 15.10 -16.98
CA LEU B 492 -17.59 15.49 -16.92
C LEU B 492 -17.40 16.71 -16.01
N ASN B 493 -18.36 17.64 -16.03
CA ASN B 493 -18.21 18.86 -15.25
C ASN B 493 -18.50 18.65 -13.77
N ARG B 494 -19.33 17.65 -13.42
CA ARG B 494 -19.52 17.35 -12.01
C ARG B 494 -18.33 16.61 -11.44
N GLY B 495 -17.65 15.80 -12.25
CA GLY B 495 -16.42 15.16 -11.81
C GLY B 495 -15.32 16.16 -11.52
N ILE B 496 -15.30 17.28 -12.26
CA ILE B 496 -14.33 18.34 -11.96
C ILE B 496 -14.62 18.94 -10.59
N GLN B 497 -15.89 19.06 -10.23
CA GLN B 497 -16.25 19.59 -8.92
C GLN B 497 -15.98 18.58 -7.80
N LEU B 498 -16.33 17.32 -8.03
CA LEU B 498 -16.03 16.28 -7.04
C LEU B 498 -14.54 16.17 -6.81
N ALA B 499 -13.74 16.23 -7.89
CA ALA B 499 -12.29 16.15 -7.75
C ALA B 499 -11.76 17.31 -6.92
N GLN B 500 -12.33 18.50 -7.09
CA GLN B 500 -11.88 19.65 -6.31
C GLN B 500 -12.30 19.54 -4.86
N ASP B 501 -13.51 19.03 -4.61
CA ASP B 501 -13.94 18.81 -3.23
C ASP B 501 -13.21 17.65 -2.60
N LEU B 502 -12.95 16.60 -3.37
CA LEU B 502 -12.23 15.44 -2.84
C LEU B 502 -10.81 15.81 -2.44
N GLN B 503 -10.08 16.47 -3.35
CA GLN B 503 -8.67 16.79 -3.09
C GLN B 503 -8.53 17.76 -1.91
N ARG B 504 -9.43 18.74 -1.82
CA ARG B 504 -9.35 19.69 -0.71
C ARG B 504 -9.55 19.00 0.62
N ALA B 505 -10.49 18.06 0.69
CA ALA B 505 -10.69 17.30 1.92
C ALA B 505 -9.48 16.42 2.23
N ILE B 506 -8.93 15.77 1.19
CA ILE B 506 -7.72 14.97 1.37
C ILE B 506 -6.58 15.84 1.88
N PHE B 507 -6.44 17.04 1.31
CA PHE B 507 -5.39 17.95 1.73
C PHE B 507 -5.51 18.29 3.22
N ASN B 508 -6.72 18.68 3.65
CA ASN B 508 -6.90 19.13 5.02
C ASN B 508 -6.67 17.99 6.02
N THR B 509 -7.12 16.78 5.68
CA THR B 509 -6.88 15.64 6.56
C THR B 509 -5.40 15.30 6.63
N GLY B 510 -4.75 15.20 5.47
CA GLY B 510 -3.33 14.88 5.44
C GLY B 510 -2.46 15.94 6.09
N VAL B 511 -2.82 17.21 5.94
CA VAL B 511 -2.08 18.29 6.60
C VAL B 511 -2.15 18.12 8.11
N ALA B 512 -3.34 17.77 8.63
CA ALA B 512 -3.47 17.51 10.06
C ALA B 512 -2.67 16.29 10.49
N ILE B 513 -2.58 15.28 9.63
CA ILE B 513 -1.80 14.08 9.96
C ILE B 513 -0.32 14.41 9.97
N LEU B 514 0.14 15.22 9.01
CA LEU B 514 1.56 15.55 8.94
C LEU B 514 1.99 16.46 10.08
N GLU B 515 1.16 17.46 10.41
CA GLU B 515 1.52 18.41 11.46
C GLU B 515 1.41 17.80 12.86
N LYS B 516 0.60 16.76 13.02
CA LYS B 516 0.52 16.04 14.29
C LYS B 516 1.52 14.90 14.38
N LYS B 517 2.29 14.66 13.32
CA LYS B 517 3.32 13.62 13.29
C LYS B 517 2.75 12.26 13.67
N LEU B 518 1.69 11.86 12.97
CA LEU B 518 1.01 10.62 13.29
C LEU B 518 1.69 9.41 12.67
N ILE B 519 2.25 9.56 11.47
CA ILE B 519 2.89 8.44 10.79
C ILE B 519 4.13 8.05 11.58
N LYS B 520 4.10 6.88 12.22
CA LYS B 520 5.27 6.30 12.85
C LYS B 520 5.78 5.14 12.00
N HIS B 521 7.01 4.71 12.31
CA HIS B 521 7.86 4.05 11.34
C HIS B 521 8.39 2.73 11.90
N LEU B 522 7.95 1.63 11.31
CA LEU B 522 8.40 0.29 11.67
C LEU B 522 9.40 -0.20 10.64
N ARG B 523 9.89 -1.43 10.83
CA ARG B 523 10.98 -1.93 10.00
C ARG B 523 10.56 -2.07 8.54
N ILE B 524 9.41 -2.69 8.30
CA ILE B 524 9.00 -3.02 6.93
C ILE B 524 7.79 -2.22 6.46
N TYR B 525 7.20 -1.38 7.32
CA TYR B 525 6.10 -0.55 6.86
C TYR B 525 5.93 0.63 7.79
N ARG B 526 5.23 1.65 7.30
CA ARG B 526 4.86 2.82 8.09
C ARG B 526 3.41 2.72 8.52
N LEU B 527 3.14 3.12 9.75
CA LEU B 527 1.82 2.98 10.36
C LEU B 527 1.21 4.34 10.57
N CYS B 528 -0.07 4.48 10.22
CA CYS B 528 -0.81 5.72 10.42
C CYS B 528 -2.20 5.36 10.94
N VAL B 529 -2.44 5.61 12.21
CA VAL B 529 -3.70 5.27 12.86
C VAL B 529 -4.51 6.55 12.99
N LEU B 530 -5.64 6.60 12.30
CA LEU B 530 -6.53 7.75 12.32
C LEU B 530 -7.67 7.52 13.30
N GLN B 531 -8.06 8.58 14.01
CA GLN B 531 -9.31 8.60 14.74
C GLN B 531 -10.28 9.53 14.03
N ASP B 532 -11.58 9.21 14.16
CA ASP B 532 -12.69 9.74 13.38
C ASP B 532 -12.28 10.45 12.09
N GLY B 533 -11.68 11.64 12.19
CA GLY B 533 -11.35 12.42 11.03
C GLY B 533 -12.48 13.37 10.66
N PRO B 534 -12.48 14.55 11.28
CA PRO B 534 -13.69 15.41 11.24
C PRO B 534 -14.10 15.92 9.86
N ASP B 535 -13.33 15.68 8.80
CA ASP B 535 -13.73 16.21 7.50
C ASP B 535 -14.69 15.27 6.79
N LEU B 536 -14.66 15.26 5.47
CA LEU B 536 -15.66 14.56 4.67
C LEU B 536 -15.54 13.05 4.85
N ASP B 537 -16.63 12.43 5.32
CA ASP B 537 -16.80 11.00 5.53
C ASP B 537 -15.60 10.32 6.18
N LEU B 538 -15.81 9.82 7.41
CA LEU B 538 -14.86 9.06 8.22
C LEU B 538 -14.04 8.03 7.46
N TYR B 539 -14.15 8.02 6.13
CA TYR B 539 -13.57 7.04 5.20
C TYR B 539 -14.33 5.73 5.25
N ARG B 540 -15.61 5.81 5.64
CA ARG B 540 -16.57 4.75 5.35
C ARG B 540 -16.54 4.38 3.87
N ASN B 541 -16.38 5.37 3.02
CA ASN B 541 -16.05 5.17 1.61
C ASN B 541 -14.61 4.68 1.52
N PRO B 542 -14.37 3.40 1.21
CA PRO B 542 -13.00 2.86 1.36
C PRO B 542 -12.01 3.40 0.34
N LEU B 543 -12.47 3.73 -0.88
CA LEU B 543 -11.54 4.20 -1.91
C LEU B 543 -10.88 5.52 -1.53
N THR B 544 -11.50 6.31 -0.67
CA THR B 544 -10.91 7.59 -0.28
C THR B 544 -9.75 7.39 0.68
N LEU B 545 -9.78 6.34 1.51
CA LEU B 545 -8.67 6.06 2.41
C LEU B 545 -7.41 5.72 1.63
N LEU B 546 -7.55 5.01 0.50
CA LEU B 546 -6.41 4.73 -0.35
C LEU B 546 -5.82 6.02 -0.92
N ARG B 547 -6.68 6.98 -1.24
CA ARG B 547 -6.20 8.23 -1.82
C ARG B 547 -5.50 9.09 -0.78
N LEU B 548 -5.99 9.07 0.47
CA LEU B 548 -5.29 9.76 1.54
C LEU B 548 -3.92 9.14 1.81
N GLY B 549 -3.84 7.81 1.71
CA GLY B 549 -2.54 7.16 1.86
C GLY B 549 -1.57 7.55 0.77
N ASN B 550 -2.04 7.52 -0.49
CA ASN B 550 -1.21 7.98 -1.60
C ASN B 550 -0.82 9.44 -1.43
N TRP B 551 -1.74 10.26 -0.88
CA TRP B 551 -1.41 11.65 -0.59
C TRP B 551 -0.31 11.73 0.45
N LEU B 552 -0.42 10.94 1.52
CA LEU B 552 0.62 10.94 2.55
C LEU B 552 1.94 10.44 2.00
N ILE B 553 1.90 9.44 1.12
CA ILE B 553 3.13 8.92 0.51
C ILE B 553 3.77 9.99 -0.36
N GLU B 554 2.97 10.74 -1.10
CA GLU B 554 3.50 11.70 -2.06
C GLU B 554 4.04 12.95 -1.38
N CYS B 555 3.21 13.62 -0.58
CA CYS B 555 3.50 14.97 -0.12
C CYS B 555 4.38 15.04 1.11
N CYS B 556 4.53 13.96 1.85
CA CYS B 556 5.40 13.97 3.01
C CYS B 556 6.86 13.91 2.58
N ALA B 557 7.74 14.50 3.39
CA ALA B 557 9.16 14.45 3.13
C ALA B 557 9.71 13.07 3.48
N GLU B 558 9.94 12.84 4.77
CA GLU B 558 10.31 11.52 5.31
C GLU B 558 11.58 10.97 4.64
N SER B 559 12.52 11.87 4.38
CA SER B 559 13.93 11.53 4.14
C SER B 559 14.03 10.72 2.84
N GLU B 560 14.85 9.66 2.84
CA GLU B 560 15.22 8.89 1.66
C GLU B 560 15.04 7.42 1.96
N ASP B 561 15.64 7.00 3.07
CA ASP B 561 15.58 5.64 3.59
C ASP B 561 14.17 5.14 3.87
N LYS B 562 13.15 5.97 3.66
CA LYS B 562 11.90 5.73 4.36
C LYS B 562 10.64 5.77 3.49
N GLN B 563 10.62 6.61 2.46
CA GLN B 563 9.45 6.64 1.60
C GLN B 563 9.40 5.42 0.69
N LEU B 564 10.51 4.69 0.54
CA LEU B 564 10.46 3.38 -0.09
C LEU B 564 9.62 2.40 0.71
N LEU B 565 9.25 2.73 1.95
CA LEU B 565 8.49 1.85 2.81
C LEU B 565 7.00 1.93 2.48
N PRO B 566 6.29 0.81 2.54
CA PRO B 566 4.83 0.85 2.40
C PRO B 566 4.19 1.55 3.60
N MET B 567 2.94 1.95 3.43
CA MET B 567 2.19 2.61 4.49
C MET B 567 0.89 1.86 4.75
N VAL B 568 0.64 1.59 6.03
CA VAL B 568 -0.61 0.98 6.48
C VAL B 568 -1.41 2.06 7.20
N LEU B 569 -2.66 2.23 6.82
CA LEU B 569 -3.55 3.23 7.41
C LEU B 569 -4.71 2.54 8.09
N ALA B 570 -5.00 2.96 9.33
CA ALA B 570 -6.12 2.42 10.10
C ALA B 570 -6.98 3.59 10.55
N SER B 571 -8.27 3.55 10.22
CA SER B 571 -9.23 4.59 10.58
C SER B 571 -10.34 3.97 11.41
N ILE B 572 -10.44 4.39 12.67
CA ILE B 572 -11.44 3.84 13.57
C ILE B 572 -12.79 4.49 13.27
N ASP B 573 -13.83 3.67 13.27
CA ASP B 573 -15.22 4.14 13.13
C ASP B 573 -15.84 4.00 14.52
N GLU B 574 -15.84 5.11 15.26
CA GLU B 574 -16.32 5.09 16.64
C GLU B 574 -17.81 4.74 16.75
N ASN B 575 -18.56 4.79 15.65
CA ASN B 575 -19.96 4.39 15.71
C ASN B 575 -20.11 2.88 15.68
N THR B 576 -19.35 2.20 14.81
CA THR B 576 -19.35 0.74 14.75
C THR B 576 -18.20 0.12 15.51
N ASP B 577 -17.31 0.94 16.07
CA ASP B 577 -16.15 0.46 16.84
C ASP B 577 -15.28 -0.47 16.00
N THR B 578 -15.04 -0.09 14.74
CA THR B 578 -14.25 -0.89 13.83
C THR B 578 -13.18 -0.02 13.19
N TYR B 579 -12.10 -0.66 12.76
CA TYR B 579 -11.04 -0.02 12.01
C TYR B 579 -11.18 -0.35 10.53
N LEU B 580 -10.91 0.62 9.68
CA LEU B 580 -10.71 0.38 8.25
C LEU B 580 -9.21 0.43 7.99
N VAL B 581 -8.65 -0.70 7.54
CA VAL B 581 -7.21 -0.85 7.36
C VAL B 581 -6.92 -1.01 5.88
N ALA B 582 -5.93 -0.27 5.39
CA ALA B 582 -5.52 -0.33 3.99
C ALA B 582 -4.00 -0.34 3.91
N GLY B 583 -3.49 -0.98 2.87
CA GLY B 583 -2.06 -1.06 2.65
C GLY B 583 -1.64 -0.50 1.30
N LEU B 584 -0.67 0.41 1.31
CA LEU B 584 -0.25 1.13 0.11
C LEU B 584 1.20 0.85 -0.18
N THR B 585 1.50 0.52 -1.44
CA THR B 585 2.88 0.50 -1.90
C THR B 585 3.17 1.80 -2.63
N PRO B 586 4.26 2.50 -2.32
CA PRO B 586 4.55 3.76 -3.01
C PRO B 586 4.77 3.53 -4.51
N ARG B 587 4.16 4.38 -5.32
CA ARG B 587 4.27 4.29 -6.76
C ARG B 587 5.18 5.40 -7.28
N TYR B 588 5.14 5.65 -8.59
CA TYR B 588 6.08 6.53 -9.27
C TYR B 588 5.32 7.64 -10.00
N PRO B 589 4.85 8.66 -9.28
CA PRO B 589 4.17 9.79 -9.95
C PRO B 589 5.13 10.62 -10.78
N ARG B 590 4.63 11.69 -11.40
CA ARG B 590 5.43 12.45 -12.36
C ARG B 590 6.62 13.12 -11.68
N GLY B 591 6.36 13.86 -10.59
CA GLY B 591 7.41 14.63 -9.95
C GLY B 591 8.37 13.86 -9.06
N LEU B 592 8.36 12.54 -9.12
CA LEU B 592 9.22 11.72 -8.26
C LEU B 592 10.53 11.45 -8.98
N ASP B 593 11.64 11.83 -8.35
CA ASP B 593 12.95 11.58 -8.94
C ASP B 593 13.23 10.09 -8.95
N THR B 594 13.77 9.61 -10.07
CA THR B 594 13.85 8.19 -10.36
C THR B 594 15.28 7.71 -10.54
N ILE B 595 16.25 8.60 -10.44
CA ILE B 595 17.60 8.38 -10.93
C ILE B 595 18.46 7.74 -9.85
N HIS B 596 19.16 6.66 -10.22
CA HIS B 596 20.08 5.95 -9.32
C HIS B 596 19.35 5.28 -8.16
N THR B 597 18.12 5.70 -7.89
CA THR B 597 17.35 5.11 -6.81
C THR B 597 16.95 3.67 -7.15
N LYS B 598 16.68 2.90 -6.11
CA LYS B 598 16.46 1.47 -6.24
C LYS B 598 15.03 1.13 -5.83
N LYS B 599 14.50 0.07 -6.43
CA LYS B 599 13.24 -0.48 -5.97
C LYS B 599 13.40 -0.96 -4.53
N PRO B 600 12.37 -0.84 -3.70
CA PRO B 600 12.46 -1.38 -2.33
C PRO B 600 12.78 -2.86 -2.37
N ILE B 601 13.69 -3.28 -1.48
CA ILE B 601 14.14 -4.67 -1.46
C ILE B 601 12.95 -5.61 -1.26
N LEU B 602 12.01 -5.23 -0.40
CA LEU B 602 10.78 -5.98 -0.21
C LEU B 602 9.67 -5.29 -0.99
N ASN B 603 9.64 -5.55 -2.29
CA ASN B 603 8.66 -4.92 -3.18
C ASN B 603 7.34 -5.68 -3.24
N ASN B 604 7.24 -6.86 -2.64
CA ASN B 604 6.01 -7.63 -2.62
C ASN B 604 5.31 -7.52 -1.29
N PHE B 605 5.20 -6.29 -0.76
CA PHE B 605 4.52 -6.09 0.50
C PHE B 605 3.03 -6.35 0.40
N SER B 606 2.42 -6.02 -0.75
CA SER B 606 1.00 -6.30 -0.93
C SER B 606 0.71 -7.79 -0.82
N MET B 607 1.69 -8.63 -1.16
CA MET B 607 1.57 -10.07 -0.95
C MET B 607 1.52 -10.39 0.54
N ALA B 608 2.37 -9.74 1.34
CA ALA B 608 2.35 -9.95 2.79
C ALA B 608 1.05 -9.44 3.41
N PHE B 609 0.63 -8.24 2.99
CA PHE B 609 -0.61 -7.67 3.53
C PHE B 609 -1.81 -8.57 3.21
N GLN B 610 -1.81 -9.16 2.01
CA GLN B 610 -2.90 -10.05 1.63
C GLN B 610 -2.92 -11.30 2.49
N GLN B 611 -1.74 -11.86 2.79
CA GLN B 611 -1.67 -13.08 3.57
C GLN B 611 -2.15 -12.87 5.01
N ILE B 612 -1.89 -11.69 5.59
CA ILE B 612 -2.30 -11.46 6.97
C ILE B 612 -3.81 -11.23 7.05
N THR B 613 -4.38 -10.53 6.07
CA THR B 613 -5.83 -10.34 6.07
C THR B 613 -6.55 -11.66 5.91
N ALA B 614 -5.99 -12.58 5.11
CA ALA B 614 -6.61 -13.88 4.90
C ALA B 614 -6.67 -14.72 6.17
N GLU B 615 -5.98 -14.31 7.23
CA GLU B 615 -6.08 -14.97 8.53
C GLU B 615 -6.57 -14.02 9.62
N THR B 616 -7.28 -12.96 9.23
CA THR B 616 -7.84 -11.99 10.16
C THR B 616 -9.35 -12.05 10.10
N ASP B 617 -10.00 -11.88 11.24
CA ASP B 617 -11.46 -11.83 11.28
C ASP B 617 -11.95 -10.52 10.69
N ALA B 618 -12.19 -10.51 9.38
CA ALA B 618 -12.68 -9.32 8.70
C ALA B 618 -14.21 -9.27 8.81
N LYS B 619 -14.73 -8.19 9.37
CA LYS B 619 -16.18 -7.99 9.37
C LYS B 619 -16.68 -7.53 8.01
N VAL B 620 -15.84 -6.80 7.27
CA VAL B 620 -16.06 -6.50 5.86
C VAL B 620 -14.75 -6.79 5.13
N ARG B 621 -14.82 -7.64 4.11
CA ARG B 621 -13.64 -8.06 3.36
C ARG B 621 -13.74 -7.49 1.94
N ILE B 622 -12.90 -6.50 1.65
CA ILE B 622 -12.90 -5.81 0.36
C ILE B 622 -11.67 -6.26 -0.42
N ASP B 623 -11.88 -6.66 -1.67
CA ASP B 623 -10.81 -7.18 -2.52
C ASP B 623 -10.65 -6.27 -3.73
N ASN B 624 -9.76 -5.29 -3.61
CA ASN B 624 -9.20 -4.64 -4.78
C ASN B 624 -8.03 -5.48 -5.28
N PHE B 625 -7.75 -5.38 -6.58
CA PHE B 625 -6.91 -6.37 -7.27
C PHE B 625 -5.53 -6.51 -6.63
N GLU B 626 -5.00 -5.47 -6.00
CA GLU B 626 -3.67 -5.53 -5.41
C GLU B 626 -3.69 -5.74 -3.90
N SER B 627 -4.79 -6.29 -3.37
CA SER B 627 -4.91 -6.68 -1.95
C SER B 627 -4.77 -5.48 -1.02
N SER B 628 -5.86 -4.95 -0.49
CA SER B 628 -5.72 -3.65 0.19
C SER B 628 -6.54 -3.46 1.45
N ILE B 629 -7.88 -3.54 1.39
CA ILE B 629 -8.72 -2.99 2.45
C ILE B 629 -9.55 -4.10 3.11
N ILE B 630 -9.57 -4.07 4.46
CA ILE B 630 -10.49 -4.88 5.26
C ILE B 630 -11.02 -4.01 6.40
N GLU B 631 -12.14 -4.44 6.97
CA GLU B 631 -12.71 -3.81 8.16
C GLU B 631 -12.72 -4.84 9.28
N ILE B 632 -12.09 -4.50 10.40
CA ILE B 632 -11.96 -5.40 11.54
C ILE B 632 -12.42 -4.69 12.80
N ARG B 633 -12.71 -5.48 13.84
CA ARG B 633 -13.03 -4.92 15.13
C ARG B 633 -11.82 -4.18 15.71
N ARG B 634 -12.10 -3.31 16.68
CA ARG B 634 -11.05 -2.47 17.25
C ARG B 634 -9.93 -3.31 17.86
N GLU B 635 -10.30 -4.34 18.63
CA GLU B 635 -9.32 -5.16 19.32
C GLU B 635 -8.59 -6.13 18.39
N ASP B 636 -8.96 -6.21 17.11
CA ASP B 636 -8.25 -7.05 16.16
C ASP B 636 -7.11 -6.32 15.46
N LEU B 637 -7.01 -5.00 15.62
CA LEU B 637 -5.97 -4.25 14.93
C LEU B 637 -4.60 -4.52 15.52
N SER B 638 -4.51 -4.62 16.85
CA SER B 638 -3.22 -4.89 17.48
C SER B 638 -2.59 -6.20 17.01
N PRO B 639 -3.29 -7.34 17.01
CA PRO B 639 -2.67 -8.56 16.46
C PRO B 639 -2.38 -8.45 14.97
N PHE B 640 -3.20 -7.71 14.23
CA PHE B 640 -2.99 -7.57 12.79
C PHE B 640 -1.67 -6.87 12.50
N LEU B 641 -1.45 -5.70 13.12
CA LEU B 641 -0.21 -4.98 12.89
C LEU B 641 1.00 -5.74 13.40
N GLU B 642 0.85 -6.49 14.49
CA GLU B 642 1.97 -7.26 15.02
C GLU B 642 2.38 -8.36 14.06
N LYS B 643 1.41 -9.12 13.54
CA LYS B 643 1.73 -10.15 12.55
C LYS B 643 2.39 -9.57 11.32
N LEU B 644 2.02 -8.34 10.94
CA LEU B 644 2.57 -7.73 9.74
C LEU B 644 4.09 -7.52 9.87
N THR B 645 4.56 -7.21 11.08
CA THR B 645 5.99 -6.99 11.30
C THR B 645 6.79 -8.28 11.16
N LEU B 646 6.14 -9.44 11.19
CA LEU B 646 6.81 -10.73 11.08
C LEU B 646 6.76 -11.30 9.67
N SER B 647 6.36 -10.51 8.69
CA SER B 647 6.17 -11.00 7.33
C SER B 647 7.47 -11.54 6.76
N GLY B 648 7.42 -12.77 6.24
CA GLY B 648 8.58 -13.38 5.61
C GLY B 648 9.67 -13.84 6.56
N LEU B 649 9.40 -13.90 7.86
CA LEU B 649 10.44 -14.28 8.81
C LEU B 649 10.63 -15.79 8.87
N LEU B 650 9.58 -16.53 9.20
CA LEU B 650 9.69 -17.97 9.39
C LEU B 650 9.11 -18.72 8.19
#